data_6AT3
#
_entry.id   6AT3
#
_cell.length_a   94.670
_cell.length_b   105.857
_cell.length_c   120.487
_cell.angle_alpha   90.00
_cell.angle_beta   90.00
_cell.angle_gamma   90.00
#
_symmetry.space_group_name_H-M   'P 21 21 21'
#
loop_
_entity.id
_entity.type
_entity.pdbx_description
1 polymer 'Phosphoenolpyruvate carboxykinase (ATP)'
2 non-polymer 'OXALOACETATE ION'
3 non-polymer THIOSULFATE
4 water water
#
_entity_poly.entity_id   1
_entity_poly.type   'polypeptide(L)'
_entity_poly.pdbx_seq_one_letter_code
;MRVNNGLTPQELEAYGISDVHDIVYNPSYDLLYQEELDPSLTGYERGVLTNLGAVAVDTGIFTGRSPKDKYIVRDDTTRD
TFWWADKGKGKNDNKPLSPETWQHLKGLVTRQLSGKRLFVVDAFCGANPDTRLSVRFITEVAWQAHFVKNMFIRPSDEEL
AGFKPDFIVMNGAKCTNPQWKEQGLNSENFVAFNLTERMQLIGGTWFGGEMKKGMFSMMNYLLPLKGIASMHCSANVGEK
GDVAVFFGLSGTGKTTLSTDPKRRLIGDDEHGWDDDGVFNFEGGCYAKTIKLSKEAEPEIYNAIRRDALLENVTVREDGT
IDFDDGSKTENTRVSYPIYHIDNIVKPVSKAGHATKVIFLTADAFGVLPPVSRLTADQTQYHFLSGFTAKLAGTERGITE
PTPTFSACFGAAFLSLHPTQYAEVLVKRMQAAGAQAYLVNTGWNGTGKRISIKDTRAIIDAILNGSLDNAETFTLPMFNL
AIPTELPGVDTKILDPRNTYASPEQWQEKAETLAKLFIDNFDKYTDTPAGAALVAAGPKLHHHHHH
;
_entity_poly.pdbx_strand_id   A,B
#
# COMPACT_ATOMS: atom_id res chain seq x y z
N LEU A 7 -23.39 39.28 26.69
CA LEU A 7 -24.60 38.46 26.55
C LEU A 7 -25.18 38.14 27.93
N THR A 8 -26.58 38.24 28.06
CA THR A 8 -27.29 38.10 29.33
C THR A 8 -27.78 36.67 29.52
N PRO A 9 -27.83 36.19 30.76
CA PRO A 9 -28.50 34.90 31.01
C PRO A 9 -29.90 34.82 30.41
N GLN A 10 -30.69 35.90 30.49
CA GLN A 10 -32.03 35.88 29.92
C GLN A 10 -31.98 35.64 28.42
N GLU A 11 -30.98 36.18 27.74
CA GLU A 11 -30.87 35.98 26.30
C GLU A 11 -30.72 34.50 25.94
N LEU A 12 -30.03 33.72 26.79
CA LEU A 12 -29.97 32.28 26.58
C LEU A 12 -31.21 31.57 27.07
N GLU A 13 -31.98 32.20 27.97
CA GLU A 13 -33.23 31.60 28.42
C GLU A 13 -34.21 31.48 27.28
N ALA A 14 -34.12 32.36 26.28
CA ALA A 14 -34.98 32.28 25.11
C ALA A 14 -34.85 30.94 24.40
N TYR A 15 -33.68 30.31 24.46
CA TYR A 15 -33.46 29.03 23.80
C TYR A 15 -33.98 27.85 24.61
N GLY A 16 -34.45 28.08 25.83
CA GLY A 16 -34.93 27.02 26.68
C GLY A 16 -33.97 26.61 27.77
N ILE A 17 -32.77 27.18 27.80
CA ILE A 17 -31.84 26.92 28.88
C ILE A 17 -32.30 27.73 30.09
N SER A 18 -32.14 27.18 31.28
CA SER A 18 -32.57 27.86 32.48
C SER A 18 -31.45 27.86 33.51
N ASP A 19 -31.49 28.86 34.39
CA ASP A 19 -30.57 28.93 35.53
C ASP A 19 -29.12 29.06 35.07
N VAL A 20 -28.87 29.92 34.10
CA VAL A 20 -27.52 30.07 33.58
C VAL A 20 -26.66 30.76 34.62
N HIS A 21 -25.62 30.06 35.10
CA HIS A 21 -24.65 30.64 36.01
C HIS A 21 -23.87 31.75 35.32
N ASP A 22 -22.70 31.42 34.80
CA ASP A 22 -21.83 32.37 34.14
C ASP A 22 -21.78 32.08 32.64
N ILE A 23 -21.52 33.13 31.86
CA ILE A 23 -21.40 33.04 30.41
C ILE A 23 -20.01 33.48 30.02
N VAL A 24 -19.25 32.59 29.40
CA VAL A 24 -17.96 32.92 28.81
C VAL A 24 -18.23 33.20 27.33
N TYR A 25 -18.38 34.47 26.99
CA TYR A 25 -18.76 34.89 25.65
C TYR A 25 -17.51 35.19 24.82
N ASN A 26 -17.46 34.64 23.61
CA ASN A 26 -16.41 34.94 22.65
C ASN A 26 -15.03 34.75 23.29
N PRO A 27 -14.79 33.60 23.91
CA PRO A 27 -13.53 33.41 24.64
C PRO A 27 -12.32 33.61 23.72
N SER A 28 -11.30 34.25 24.27
CA SER A 28 -10.04 34.40 23.57
C SER A 28 -9.31 33.07 23.52
N TYR A 29 -8.33 32.99 22.60
CA TYR A 29 -7.48 31.80 22.54
C TYR A 29 -6.68 31.62 23.84
N ASP A 30 -6.21 32.71 24.45
CA ASP A 30 -5.51 32.60 25.74
C ASP A 30 -6.42 31.96 26.79
N LEU A 31 -7.66 32.40 26.85
CA LEU A 31 -8.58 31.87 27.85
C LEU A 31 -8.85 30.39 27.62
N LEU A 32 -9.11 30.01 26.36
CA LEU A 32 -9.41 28.63 26.05
C LEU A 32 -8.24 27.72 26.40
N TYR A 33 -7.03 28.21 26.14
CA TYR A 33 -5.82 27.44 26.48
C TYR A 33 -5.77 27.14 27.98
N GLN A 34 -5.98 28.16 28.83
CA GLN A 34 -5.94 27.93 30.27
C GLN A 34 -7.06 27.00 30.71
N GLU A 35 -8.26 27.19 30.15
CA GLU A 35 -9.39 26.35 30.52
C GLU A 35 -9.14 24.89 30.16
N GLU A 36 -8.56 24.65 28.98
CA GLU A 36 -8.41 23.30 28.48
C GLU A 36 -7.42 22.50 29.33
N LEU A 37 -6.47 23.18 29.97
CA LEU A 37 -5.47 22.52 30.79
C LEU A 37 -5.84 22.49 32.28
N ASP A 38 -7.03 22.96 32.65
CA ASP A 38 -7.44 22.87 34.03
C ASP A 38 -7.41 21.42 34.50
N PRO A 39 -6.69 21.10 35.59
CA PRO A 39 -6.60 19.69 36.00
C PRO A 39 -7.86 19.13 36.64
N SER A 40 -8.87 19.96 36.90
CA SER A 40 -10.12 19.46 37.46
C SER A 40 -11.03 18.86 36.41
N LEU A 41 -10.71 19.01 35.12
CA LEU A 41 -11.54 18.39 34.10
C LEU A 41 -11.42 16.87 34.15
N THR A 42 -12.51 16.20 33.79
CA THR A 42 -12.55 14.75 33.81
C THR A 42 -13.08 14.24 32.48
N GLY A 43 -12.82 12.96 32.24
CA GLY A 43 -13.38 12.32 31.08
C GLY A 43 -12.94 12.99 29.79
N TYR A 44 -13.86 13.05 28.83
CA TYR A 44 -13.53 13.57 27.52
C TYR A 44 -13.34 15.07 27.50
N GLU A 45 -13.51 15.77 28.62
CA GLU A 45 -13.22 17.19 28.68
C GLU A 45 -11.73 17.47 28.81
N ARG A 46 -10.93 16.49 29.24
CA ARG A 46 -9.55 16.74 29.62
C ARG A 46 -8.71 17.04 28.40
N GLY A 47 -7.75 17.95 28.55
CA GLY A 47 -6.79 18.24 27.51
C GLY A 47 -5.39 18.07 28.05
N VAL A 48 -4.45 17.80 27.15
CA VAL A 48 -3.04 17.68 27.50
C VAL A 48 -2.24 18.50 26.50
N LEU A 49 -1.12 19.03 26.96
CA LEU A 49 -0.26 19.84 26.11
C LEU A 49 0.80 18.98 25.47
N THR A 50 0.95 19.08 24.15
CA THR A 50 1.94 18.30 23.41
C THR A 50 3.22 19.10 23.24
N ASN A 51 4.26 18.40 22.75
CA ASN A 51 5.55 19.01 22.48
C ASN A 51 5.45 20.16 21.49
N LEU A 52 4.52 20.10 20.55
CA LEU A 52 4.36 21.13 19.53
C LEU A 52 3.65 22.36 20.05
N GLY A 53 3.15 22.35 21.29
CA GLY A 53 2.49 23.50 21.86
C GLY A 53 0.99 23.52 21.69
N ALA A 54 0.41 22.51 21.04
CA ALA A 54 -1.03 22.41 20.83
C ALA A 54 -1.65 21.49 21.86
N VAL A 55 -2.85 21.85 22.31
CA VAL A 55 -3.65 20.99 23.18
C VAL A 55 -4.24 19.82 22.39
N ALA A 56 -4.30 18.65 23.04
CA ALA A 56 -4.84 17.43 22.47
C ALA A 56 -5.95 16.93 23.37
N VAL A 57 -7.05 16.48 22.74
CA VAL A 57 -8.22 15.94 23.42
C VAL A 57 -8.60 14.61 22.79
N ASP A 58 -9.46 13.88 23.49
CA ASP A 58 -9.94 12.58 23.03
C ASP A 58 -11.47 12.54 23.08
N THR A 59 -12.07 11.75 22.19
CA THR A 59 -13.54 11.75 22.06
C THR A 59 -14.15 10.36 22.23
N GLY A 60 -13.46 9.49 22.95
CA GLY A 60 -14.03 8.17 23.24
C GLY A 60 -14.24 7.36 21.98
N ILE A 61 -15.41 6.70 21.90
CA ILE A 61 -15.75 5.93 20.70
C ILE A 61 -16.18 6.83 19.55
N PHE A 62 -16.38 8.11 19.79
CA PHE A 62 -16.92 9.01 18.78
C PHE A 62 -15.77 9.59 17.97
N THR A 63 -15.17 8.73 17.16
CA THR A 63 -13.98 9.05 16.40
C THR A 63 -14.29 9.41 14.96
N GLY A 64 -15.58 9.51 14.62
CA GLY A 64 -16.01 9.87 13.28
C GLY A 64 -17.45 10.34 13.38
N ARG A 65 -18.03 10.67 12.24
CA ARG A 65 -19.42 11.11 12.22
C ARG A 65 -20.40 9.95 12.46
N SER A 66 -21.62 10.34 12.80
CA SER A 66 -22.72 9.42 13.13
C SER A 66 -23.87 9.67 12.16
N PRO A 67 -23.70 9.34 10.88
CA PRO A 67 -24.80 9.61 9.94
C PRO A 67 -26.08 8.89 10.31
N LYS A 68 -26.01 7.76 11.00
CA LYS A 68 -27.22 7.04 11.37
C LYS A 68 -27.97 7.70 12.51
N ASP A 69 -27.39 8.73 13.13
CA ASP A 69 -28.08 9.47 14.17
C ASP A 69 -28.48 10.87 13.72
N LYS A 70 -28.45 11.14 12.42
CA LYS A 70 -28.79 12.46 11.86
C LYS A 70 -30.26 12.53 11.50
N TYR A 71 -30.94 13.58 11.99
CA TYR A 71 -32.37 13.75 11.81
C TYR A 71 -32.70 15.21 11.54
N ILE A 72 -33.68 15.41 10.65
CA ILE A 72 -34.17 16.74 10.29
C ILE A 72 -35.68 16.77 10.54
N VAL A 73 -36.15 17.80 11.23
CA VAL A 73 -37.58 17.94 11.49
C VAL A 73 -38.30 18.14 10.16
N ARG A 74 -39.34 17.33 9.92
CA ARG A 74 -40.18 17.49 8.75
C ARG A 74 -41.37 18.37 9.12
N ASP A 75 -41.45 19.54 8.49
CA ASP A 75 -42.44 20.56 8.85
C ASP A 75 -42.69 21.41 7.62
N ASP A 76 -43.47 22.49 7.79
CA ASP A 76 -43.83 23.30 6.63
C ASP A 76 -42.61 23.92 5.96
N THR A 77 -41.50 24.08 6.68
CA THR A 77 -40.31 24.65 6.05
C THR A 77 -39.63 23.63 5.14
N THR A 78 -39.52 22.38 5.59
CA THR A 78 -38.71 21.37 4.93
C THR A 78 -39.49 20.31 4.16
N ARG A 79 -40.79 20.17 4.40
CA ARG A 79 -41.50 19.02 3.83
C ARG A 79 -41.29 18.90 2.31
N ASP A 80 -41.49 19.98 1.58
CA ASP A 80 -41.50 19.93 0.12
C ASP A 80 -40.16 20.30 -0.49
N THR A 81 -39.16 20.62 0.30
CA THR A 81 -37.87 21.07 -0.23
C THR A 81 -36.71 20.14 0.08
N PHE A 82 -36.79 19.36 1.15
CA PHE A 82 -35.66 18.54 1.57
C PHE A 82 -35.59 17.25 0.77
N TRP A 83 -34.37 16.73 0.66
CA TRP A 83 -34.13 15.40 0.08
C TRP A 83 -34.24 14.39 1.22
N TRP A 84 -35.40 13.74 1.32
CA TRP A 84 -35.72 12.95 2.49
C TRP A 84 -35.29 11.49 2.33
N ALA A 85 -34.87 10.90 3.45
CA ALA A 85 -34.34 9.56 3.39
C ALA A 85 -35.42 8.52 3.09
N ASP A 86 -36.69 8.87 3.28
CA ASP A 86 -37.82 7.94 3.10
C ASP A 86 -38.72 8.29 1.92
N LYS A 87 -38.25 9.11 0.98
CA LYS A 87 -39.11 9.55 -0.12
C LYS A 87 -38.53 9.36 -1.51
N GLY A 88 -37.25 9.05 -1.66
CA GLY A 88 -36.62 9.06 -2.96
C GLY A 88 -36.08 7.68 -3.32
N LYS A 89 -35.66 7.59 -4.57
CA LYS A 89 -34.96 6.41 -5.07
C LYS A 89 -33.58 6.25 -4.46
N GLY A 90 -32.97 7.34 -4.02
CA GLY A 90 -31.59 7.35 -3.57
C GLY A 90 -31.47 7.44 -2.06
N LYS A 91 -30.60 6.60 -1.51
CA LYS A 91 -30.39 6.60 -0.07
C LYS A 91 -29.70 7.88 0.37
N ASN A 92 -30.08 8.37 1.55
CA ASN A 92 -29.41 9.49 2.19
C ASN A 92 -29.66 9.41 3.69
N ASP A 93 -29.08 10.35 4.43
CA ASP A 93 -29.11 10.33 5.88
C ASP A 93 -30.10 11.32 6.47
N ASN A 94 -30.90 11.98 5.63
CA ASN A 94 -31.84 13.01 6.09
C ASN A 94 -33.12 12.35 6.59
N LYS A 95 -33.03 11.76 7.77
CA LYS A 95 -34.17 11.00 8.31
C LYS A 95 -35.16 11.96 8.95
N PRO A 96 -36.46 11.80 8.68
CA PRO A 96 -37.44 12.77 9.17
C PRO A 96 -37.67 12.62 10.66
N LEU A 97 -37.91 13.74 11.32
CA LEU A 97 -38.14 13.80 12.75
C LEU A 97 -39.43 14.57 13.00
N SER A 98 -40.21 14.12 13.97
CA SER A 98 -41.45 14.84 14.24
C SER A 98 -41.19 16.07 15.12
N PRO A 99 -42.04 17.09 15.04
CA PRO A 99 -41.88 18.22 15.97
C PRO A 99 -41.95 17.79 17.43
N GLU A 100 -42.79 16.80 17.76
CA GLU A 100 -42.89 16.35 19.14
C GLU A 100 -41.57 15.75 19.61
N THR A 101 -40.97 14.90 18.80
CA THR A 101 -39.73 14.26 19.19
C THR A 101 -38.60 15.27 19.25
N TRP A 102 -38.64 16.26 18.36
CA TRP A 102 -37.67 17.34 18.43
C TRP A 102 -37.73 18.03 19.78
N GLN A 103 -38.93 18.38 20.24
CA GLN A 103 -39.06 19.02 21.54
C GLN A 103 -38.48 18.15 22.65
N HIS A 104 -38.60 16.83 22.53
CA HIS A 104 -38.02 15.94 23.52
C HIS A 104 -36.49 16.01 23.50
N LEU A 105 -35.90 15.98 22.30
CA LEU A 105 -34.45 16.07 22.22
C LEU A 105 -33.96 17.43 22.69
N LYS A 106 -34.67 18.50 22.31
CA LYS A 106 -34.27 19.82 22.76
C LYS A 106 -34.34 19.93 24.27
N GLY A 107 -35.34 19.29 24.89
CA GLY A 107 -35.42 19.27 26.34
C GLY A 107 -34.23 18.61 26.99
N LEU A 108 -33.80 17.47 26.44
CA LEU A 108 -32.60 16.80 26.95
C LEU A 108 -31.40 17.73 26.95
N VAL A 109 -31.19 18.44 25.83
CA VAL A 109 -29.98 19.25 25.70
C VAL A 109 -30.06 20.48 26.59
N THR A 110 -31.17 21.20 26.56
CA THR A 110 -31.26 22.42 27.37
C THR A 110 -31.19 22.10 28.85
N ARG A 111 -31.80 20.99 29.28
CA ARG A 111 -31.63 20.55 30.66
C ARG A 111 -30.16 20.32 30.98
N GLN A 112 -29.44 19.65 30.07
CA GLN A 112 -28.03 19.38 30.32
C GLN A 112 -27.23 20.66 30.45
N LEU A 113 -27.53 21.65 29.61
CA LEU A 113 -26.80 22.91 29.64
C LEU A 113 -27.34 23.89 30.67
N SER A 114 -28.34 23.50 31.46
CA SER A 114 -28.93 24.37 32.47
C SER A 114 -28.15 24.27 33.78
N GLY A 115 -28.13 25.38 34.52
CA GLY A 115 -27.49 25.41 35.83
C GLY A 115 -25.99 25.31 35.77
N LYS A 116 -25.37 25.85 34.72
CA LYS A 116 -23.96 25.60 34.46
C LYS A 116 -23.30 26.84 33.91
N ARG A 117 -21.97 26.81 33.93
CA ARG A 117 -21.16 27.76 33.21
C ARG A 117 -21.11 27.34 31.75
N LEU A 118 -21.40 28.27 30.85
CA LEU A 118 -21.53 27.99 29.43
C LEU A 118 -20.55 28.83 28.64
N PHE A 119 -20.01 28.25 27.58
CA PHE A 119 -19.25 28.99 26.59
C PHE A 119 -20.15 29.28 25.40
N VAL A 120 -20.08 30.50 24.90
CA VAL A 120 -20.88 30.95 23.76
C VAL A 120 -19.94 31.56 22.74
N VAL A 121 -19.96 31.02 21.52
CA VAL A 121 -19.16 31.53 20.43
C VAL A 121 -20.11 31.97 19.32
N ASP A 122 -20.04 33.23 18.96
CA ASP A 122 -20.70 33.76 17.78
C ASP A 122 -19.71 33.79 16.62
N ALA A 123 -20.16 33.33 15.46
CA ALA A 123 -19.28 33.19 14.31
C ALA A 123 -20.11 33.19 13.04
N PHE A 124 -19.41 33.28 11.91
CA PHE A 124 -20.06 33.24 10.60
C PHE A 124 -19.72 31.94 9.88
N CYS A 125 -20.71 31.39 9.16
CA CYS A 125 -20.47 30.35 8.17
C CYS A 125 -20.66 30.98 6.80
N GLY A 126 -19.57 31.08 6.02
CA GLY A 126 -19.65 31.76 4.74
C GLY A 126 -18.84 33.05 4.76
N ALA A 127 -17.95 33.21 3.79
CA ALA A 127 -17.08 34.36 3.76
C ALA A 127 -17.78 35.64 3.31
N ASN A 128 -18.94 35.54 2.65
CA ASN A 128 -19.57 36.73 2.07
C ASN A 128 -20.77 37.17 2.89
N PRO A 129 -20.85 38.44 3.28
CA PRO A 129 -21.99 38.88 4.09
C PRO A 129 -23.35 38.60 3.47
N ASP A 130 -23.47 38.62 2.15
CA ASP A 130 -24.79 38.48 1.53
C ASP A 130 -25.36 37.08 1.67
N THR A 131 -24.55 36.05 1.90
CA THR A 131 -25.07 34.69 2.01
C THR A 131 -24.64 33.95 3.27
N ARG A 132 -23.91 34.60 4.17
CA ARG A 132 -23.39 33.86 5.32
C ARG A 132 -24.48 33.67 6.36
N LEU A 133 -24.32 32.62 7.15
CA LEU A 133 -25.15 32.41 8.32
C LEU A 133 -24.39 32.96 9.53
N SER A 134 -25.12 33.67 10.39
CA SER A 134 -24.62 34.04 11.70
C SER A 134 -24.99 32.93 12.67
N VAL A 135 -23.99 32.28 13.27
CA VAL A 135 -24.23 31.10 14.09
C VAL A 135 -23.79 31.36 15.51
N ARG A 136 -24.62 30.97 16.46
CA ARG A 136 -24.29 31.03 17.88
C ARG A 136 -24.14 29.61 18.40
N PHE A 137 -22.95 29.29 18.88
CA PHE A 137 -22.65 27.97 19.41
C PHE A 137 -22.65 28.02 20.94
N ILE A 138 -23.25 27.02 21.57
CA ILE A 138 -23.34 26.94 23.03
C ILE A 138 -22.81 25.59 23.49
N THR A 139 -21.84 25.61 24.41
CA THR A 139 -21.25 24.38 24.94
C THR A 139 -21.01 24.56 26.44
N GLU A 140 -20.82 23.43 27.14
CA GLU A 140 -20.29 23.49 28.49
C GLU A 140 -18.84 23.03 28.56
N VAL A 141 -18.19 22.79 27.43
CA VAL A 141 -16.83 22.28 27.39
C VAL A 141 -15.98 23.28 26.62
N ALA A 142 -14.87 23.71 27.23
CA ALA A 142 -14.02 24.72 26.60
C ALA A 142 -13.52 24.26 25.23
N TRP A 143 -13.04 23.02 25.14
CA TRP A 143 -12.45 22.62 23.88
C TRP A 143 -13.46 22.57 22.74
N GLN A 144 -14.74 22.33 23.04
CA GLN A 144 -15.71 22.39 21.96
C GLN A 144 -15.93 23.81 21.48
N ALA A 145 -15.91 24.79 22.40
CA ALA A 145 -15.94 26.19 21.99
C ALA A 145 -14.72 26.53 21.14
N HIS A 146 -13.55 25.98 21.50
CA HIS A 146 -12.32 26.24 20.76
C HIS A 146 -12.46 25.68 19.35
N PHE A 147 -13.02 24.47 19.23
CA PHE A 147 -13.22 23.88 17.90
C PHE A 147 -13.98 24.81 16.97
N VAL A 148 -15.07 25.41 17.45
CA VAL A 148 -15.87 26.24 16.56
C VAL A 148 -15.27 27.63 16.37
N LYS A 149 -14.51 28.13 17.34
CA LYS A 149 -13.73 29.33 17.09
C LYS A 149 -12.71 29.10 15.95
N ASN A 150 -12.09 27.93 15.94
CA ASN A 150 -11.17 27.56 14.86
C ASN A 150 -11.87 27.44 13.51
N MET A 151 -13.02 26.77 13.48
CA MET A 151 -13.54 26.29 12.20
C MET A 151 -14.46 27.27 11.52
N PHE A 152 -15.08 28.18 12.26
CA PHE A 152 -15.93 29.19 11.68
C PHE A 152 -15.19 30.52 11.62
N ILE A 153 -15.79 31.47 10.92
CA ILE A 153 -15.16 32.77 10.67
C ILE A 153 -15.38 33.66 11.89
N ARG A 154 -14.28 34.20 12.40
CA ARG A 154 -14.27 34.87 13.70
C ARG A 154 -14.65 36.34 13.50
N PRO A 155 -15.77 36.81 14.03
CA PRO A 155 -16.20 38.18 13.72
C PRO A 155 -15.35 39.22 14.42
N SER A 156 -15.34 40.41 13.82
CA SER A 156 -14.75 41.59 14.44
C SER A 156 -15.60 42.04 15.62
N ASP A 157 -15.02 42.94 16.44
CA ASP A 157 -15.77 43.47 17.57
C ASP A 157 -17.02 44.22 17.11
N GLU A 158 -16.91 44.96 16.01
CA GLU A 158 -18.07 45.69 15.49
C GLU A 158 -19.14 44.74 14.99
N GLU A 159 -18.72 43.65 14.34
CA GLU A 159 -19.69 42.64 13.91
C GLU A 159 -20.35 41.96 15.11
N LEU A 160 -19.62 41.81 16.21
CA LEU A 160 -20.22 41.21 17.39
C LEU A 160 -21.28 42.11 18.01
N ALA A 161 -21.00 43.41 18.09
CA ALA A 161 -21.96 44.32 18.71
C ALA A 161 -23.34 44.16 18.06
N GLY A 162 -23.38 43.99 16.75
CA GLY A 162 -24.64 43.89 16.06
C GLY A 162 -25.04 42.46 15.70
N PHE A 163 -24.49 41.47 16.40
CA PHE A 163 -24.68 40.08 15.99
C PHE A 163 -26.11 39.61 16.25
N LYS A 164 -26.76 39.12 15.21
CA LYS A 164 -28.09 38.53 15.33
C LYS A 164 -28.03 37.11 14.80
N PRO A 165 -28.12 36.09 15.64
CA PRO A 165 -27.96 34.72 15.14
C PRO A 165 -29.08 34.31 14.18
N ASP A 166 -28.68 33.62 13.11
CA ASP A 166 -29.57 32.93 12.18
C ASP A 166 -29.77 31.46 12.54
N PHE A 167 -28.83 30.88 13.27
CA PHE A 167 -28.88 29.48 13.66
C PHE A 167 -28.22 29.35 15.01
N ILE A 168 -28.77 28.48 15.85
CA ILE A 168 -28.20 28.16 17.16
C ILE A 168 -27.75 26.70 17.10
N VAL A 169 -26.52 26.44 17.55
CA VAL A 169 -25.99 25.08 17.69
C VAL A 169 -25.73 24.84 19.17
N MET A 170 -26.43 23.88 19.74
CA MET A 170 -26.25 23.53 21.15
C MET A 170 -25.60 22.16 21.25
N ASN A 171 -24.42 22.12 21.87
CA ASN A 171 -23.68 20.87 22.02
C ASN A 171 -23.99 20.32 23.41
N GLY A 172 -24.81 19.28 23.45
CA GLY A 172 -25.07 18.53 24.66
C GLY A 172 -24.47 17.14 24.60
N ALA A 173 -23.20 17.04 24.22
CA ALA A 173 -22.54 15.75 24.13
C ALA A 173 -22.71 14.95 25.40
N LYS A 174 -22.75 15.62 26.56
CA LYS A 174 -22.76 14.89 27.82
C LYS A 174 -24.10 14.23 28.11
N CYS A 175 -25.16 14.55 27.39
CA CYS A 175 -26.44 13.92 27.63
C CYS A 175 -26.75 12.92 26.52
N THR A 176 -27.68 12.03 26.82
CA THR A 176 -28.21 11.09 25.84
C THR A 176 -29.71 11.01 26.00
N ASN A 177 -30.33 10.26 25.10
CA ASN A 177 -31.78 10.14 25.00
C ASN A 177 -32.21 8.74 25.43
N PRO A 178 -32.66 8.56 26.68
CA PRO A 178 -33.00 7.19 27.12
C PRO A 178 -34.24 6.62 26.45
N GLN A 179 -35.05 7.45 25.79
CA GLN A 179 -36.30 7.04 25.19
C GLN A 179 -36.16 6.71 23.70
N TRP A 180 -34.94 6.46 23.23
CA TRP A 180 -34.71 6.43 21.79
C TRP A 180 -35.36 5.22 21.13
N LYS A 181 -35.32 4.06 21.77
CA LYS A 181 -35.92 2.87 21.17
C LYS A 181 -37.40 3.09 20.90
N GLU A 182 -38.15 3.50 21.92
CA GLU A 182 -39.58 3.71 21.75
C GLU A 182 -39.89 4.81 20.74
N GLN A 183 -38.96 5.74 20.51
CA GLN A 183 -39.17 6.81 19.55
C GLN A 183 -38.73 6.44 18.14
N GLY A 184 -38.31 5.20 17.93
CA GLY A 184 -37.91 4.75 16.63
C GLY A 184 -36.63 5.39 16.12
N LEU A 185 -35.77 5.86 17.00
CA LEU A 185 -34.49 6.41 16.59
C LEU A 185 -33.44 5.31 16.58
N ASN A 186 -32.27 5.66 16.06
CA ASN A 186 -31.24 4.67 15.84
C ASN A 186 -30.48 4.33 17.10
N SER A 187 -30.32 5.28 18.01
CA SER A 187 -29.48 5.05 19.19
C SER A 187 -29.80 6.17 20.19
N GLU A 188 -29.12 6.11 21.35
CA GLU A 188 -29.30 7.13 22.38
C GLU A 188 -28.64 8.45 22.01
N ASN A 189 -27.91 8.50 20.91
CA ASN A 189 -27.25 9.72 20.44
C ASN A 189 -28.10 10.38 19.36
N PHE A 190 -27.82 11.66 19.10
CA PHE A 190 -28.59 12.36 18.08
C PHE A 190 -27.84 13.57 17.58
N VAL A 191 -28.02 13.87 16.30
CA VAL A 191 -27.57 15.12 15.69
C VAL A 191 -28.79 15.60 14.90
N ALA A 192 -29.49 16.58 15.44
CA ALA A 192 -30.84 16.89 14.98
C ALA A 192 -30.93 18.33 14.55
N PHE A 193 -31.67 18.56 13.47
CA PHE A 193 -31.83 19.90 12.88
C PHE A 193 -33.29 20.26 12.76
N ASN A 194 -33.61 21.52 13.11
CA ASN A 194 -34.94 22.09 12.93
C ASN A 194 -34.77 23.40 12.17
N LEU A 195 -35.25 23.45 10.93
CA LEU A 195 -35.03 24.63 10.10
C LEU A 195 -36.09 25.69 10.29
N THR A 196 -37.12 25.41 11.07
CA THR A 196 -38.08 26.43 11.47
C THR A 196 -37.59 27.18 12.70
N GLU A 197 -37.18 26.46 13.75
CA GLU A 197 -36.52 27.09 14.89
C GLU A 197 -35.08 27.49 14.57
N ARG A 198 -34.51 26.97 13.49
CA ARG A 198 -33.14 27.24 13.08
C ARG A 198 -32.15 26.85 14.17
N MET A 199 -32.11 25.56 14.44
CA MET A 199 -31.33 25.05 15.55
C MET A 199 -30.80 23.66 15.24
N GLN A 200 -29.59 23.39 15.72
CA GLN A 200 -28.98 22.09 15.67
C GLN A 200 -28.69 21.65 17.10
N LEU A 201 -29.00 20.39 17.38
CA LEU A 201 -28.73 19.77 18.66
C LEU A 201 -27.73 18.65 18.48
N ILE A 202 -26.81 18.53 19.43
CA ILE A 202 -25.88 17.42 19.48
C ILE A 202 -26.03 16.74 20.83
N GLY A 203 -26.41 15.47 20.81
CA GLY A 203 -26.46 14.66 22.02
C GLY A 203 -25.59 13.42 21.88
N GLY A 204 -24.88 13.10 22.96
CA GLY A 204 -24.11 11.85 23.02
C GLY A 204 -22.77 11.84 22.35
N THR A 205 -22.68 12.34 21.12
CA THR A 205 -21.43 12.21 20.37
C THR A 205 -20.52 13.39 20.62
N TRP A 206 -19.25 13.09 20.90
CA TRP A 206 -18.21 14.07 21.15
C TRP A 206 -17.36 14.36 19.92
N PHE A 207 -17.67 13.80 18.76
CA PHE A 207 -16.83 14.02 17.58
C PHE A 207 -16.87 15.47 17.13
N GLY A 208 -15.69 16.08 16.95
CA GLY A 208 -15.66 17.49 16.67
C GLY A 208 -16.38 17.84 15.38
N GLY A 209 -16.23 16.99 14.37
CA GLY A 209 -16.78 17.29 13.05
C GLY A 209 -18.27 17.55 13.07
N GLU A 210 -19.00 16.94 14.02
CA GLU A 210 -20.44 17.18 14.05
C GLU A 210 -20.77 18.66 14.21
N MET A 211 -19.87 19.43 14.84
CA MET A 211 -20.14 20.86 15.06
C MET A 211 -19.90 21.71 13.83
N LYS A 212 -19.22 21.20 12.80
CA LYS A 212 -19.07 21.92 11.55
C LYS A 212 -19.88 21.38 10.38
N LYS A 213 -20.13 20.06 10.29
CA LYS A 213 -20.84 19.56 9.13
C LYS A 213 -22.33 19.81 9.20
N GLY A 214 -22.87 20.10 10.38
CA GLY A 214 -24.24 20.54 10.46
C GLY A 214 -24.49 21.81 9.69
N MET A 215 -23.70 22.85 9.97
CA MET A 215 -23.85 24.11 9.24
C MET A 215 -23.51 23.95 7.76
N PHE A 216 -22.56 23.08 7.42
CA PHE A 216 -22.35 22.79 6.00
C PHE A 216 -23.64 22.29 5.37
N SER A 217 -24.34 21.36 6.05
CA SER A 217 -25.60 20.87 5.52
C SER A 217 -26.61 21.99 5.35
N MET A 218 -26.58 22.98 6.23
CA MET A 218 -27.53 24.06 6.14
C MET A 218 -27.19 24.97 4.96
N MET A 219 -25.91 25.30 4.77
CA MET A 219 -25.53 26.01 3.56
C MET A 219 -25.89 25.22 2.31
N ASN A 220 -25.77 23.89 2.36
CA ASN A 220 -26.13 23.05 1.22
C ASN A 220 -27.62 23.09 0.95
N TYR A 221 -28.43 23.47 1.93
CA TYR A 221 -29.86 23.71 1.74
C TYR A 221 -30.11 25.09 1.12
N LEU A 222 -29.53 26.14 1.69
CA LEU A 222 -29.93 27.49 1.31
C LEU A 222 -29.27 27.94 0.00
N LEU A 223 -28.02 27.57 -0.25
CA LEU A 223 -27.30 28.24 -1.34
C LEU A 223 -27.75 27.79 -2.74
N PRO A 224 -27.92 26.50 -3.00
CA PRO A 224 -28.33 26.12 -4.34
C PRO A 224 -29.73 26.62 -4.70
N LEU A 225 -30.57 26.88 -3.71
CA LEU A 225 -31.89 27.45 -4.02
C LEU A 225 -31.78 28.87 -4.56
N LYS A 226 -30.68 29.56 -4.26
CA LYS A 226 -30.38 30.89 -4.78
C LYS A 226 -29.41 30.85 -5.95
N GLY A 227 -29.19 29.70 -6.56
CA GLY A 227 -28.30 29.61 -7.70
C GLY A 227 -26.82 29.64 -7.40
N ILE A 228 -26.43 29.42 -6.14
CA ILE A 228 -25.04 29.42 -5.74
C ILE A 228 -24.63 27.98 -5.47
N ALA A 229 -23.52 27.53 -6.07
CA ALA A 229 -23.07 26.17 -5.82
C ALA A 229 -22.58 26.06 -4.37
N SER A 230 -22.76 24.88 -3.80
CA SER A 230 -22.33 24.59 -2.43
C SER A 230 -21.62 23.25 -2.49
N MET A 231 -20.33 23.25 -2.20
CA MET A 231 -19.43 22.23 -2.72
C MET A 231 -18.58 21.62 -1.62
N HIS A 232 -18.50 20.28 -1.62
CA HIS A 232 -17.61 19.56 -0.72
C HIS A 232 -16.26 19.43 -1.42
N CYS A 233 -15.44 20.45 -1.27
CA CYS A 233 -14.19 20.50 -2.01
C CYS A 233 -13.19 21.37 -1.26
N SER A 234 -11.92 21.17 -1.57
CA SER A 234 -10.90 22.16 -1.23
C SER A 234 -10.71 23.07 -2.43
N ALA A 235 -10.00 24.20 -2.25
CA ALA A 235 -9.91 25.22 -3.28
C ALA A 235 -8.62 25.98 -3.10
N ASN A 236 -7.90 26.17 -4.20
CA ASN A 236 -6.71 27.04 -4.17
C ASN A 236 -6.62 27.85 -5.46
N VAL A 237 -5.59 28.70 -5.54
CA VAL A 237 -5.48 29.68 -6.62
C VAL A 237 -4.02 29.86 -7.02
N GLY A 238 -3.78 29.96 -8.32
CA GLY A 238 -2.45 30.22 -8.82
C GLY A 238 -2.12 31.69 -8.82
N GLU A 239 -0.86 31.98 -9.15
CA GLU A 239 -0.39 33.36 -9.08
C GLU A 239 -1.17 34.27 -10.03
N LYS A 240 -1.72 33.73 -11.12
CA LYS A 240 -2.48 34.51 -12.09
C LYS A 240 -3.97 34.61 -11.78
N GLY A 241 -4.43 34.07 -10.65
CA GLY A 241 -5.81 34.18 -10.25
C GLY A 241 -6.69 33.03 -10.70
N ASP A 242 -6.08 32.02 -11.32
CA ASP A 242 -6.81 30.83 -11.74
C ASP A 242 -7.11 29.94 -10.52
N VAL A 243 -8.40 29.60 -10.36
CA VAL A 243 -8.86 28.86 -9.17
C VAL A 243 -9.12 27.42 -9.55
N ALA A 244 -8.73 26.51 -8.68
CA ALA A 244 -9.11 25.12 -8.82
C ALA A 244 -9.85 24.64 -7.57
N VAL A 245 -10.77 23.72 -7.79
CA VAL A 245 -11.51 23.08 -6.72
C VAL A 245 -11.31 21.58 -6.82
N PHE A 246 -11.18 20.92 -5.67
CA PHE A 246 -10.87 19.48 -5.58
C PHE A 246 -11.97 18.84 -4.76
N PHE A 247 -12.90 18.13 -5.43
CA PHE A 247 -13.99 17.45 -4.75
C PHE A 247 -13.53 16.09 -4.25
N GLY A 248 -13.97 15.72 -3.05
CA GLY A 248 -13.73 14.37 -2.57
C GLY A 248 -14.10 14.20 -1.11
N LEU A 249 -14.18 12.93 -0.70
CA LEU A 249 -14.34 12.60 0.71
C LEU A 249 -13.00 12.76 1.45
N SER A 250 -13.09 12.95 2.78
CA SER A 250 -11.87 13.13 3.55
C SER A 250 -11.04 11.85 3.52
N GLY A 251 -9.72 12.03 3.47
CA GLY A 251 -8.80 10.94 3.29
C GLY A 251 -8.52 10.59 1.84
N THR A 252 -9.18 11.25 0.88
CA THR A 252 -8.97 10.94 -0.53
C THR A 252 -8.13 12.00 -1.24
N GLY A 253 -7.61 12.99 -0.52
CA GLY A 253 -6.55 13.82 -1.04
C GLY A 253 -6.85 15.30 -1.10
N LYS A 254 -8.03 15.79 -0.73
CA LYS A 254 -8.33 17.18 -1.03
C LYS A 254 -7.57 18.16 -0.13
N THR A 255 -7.36 17.81 1.15
CA THR A 255 -6.51 18.65 2.01
C THR A 255 -5.07 18.63 1.55
N THR A 256 -4.53 17.43 1.29
CA THR A 256 -3.11 17.32 0.91
C THR A 256 -2.83 18.03 -0.40
N LEU A 257 -3.68 17.84 -1.40
CA LEU A 257 -3.43 18.44 -2.70
C LEU A 257 -3.68 19.94 -2.72
N SER A 258 -4.48 20.46 -1.79
CA SER A 258 -4.79 21.88 -1.86
C SER A 258 -3.71 22.78 -1.25
N THR A 259 -2.85 22.25 -0.37
CA THR A 259 -1.79 23.05 0.25
C THR A 259 -0.52 23.12 -0.60
N ASP A 260 -0.59 22.70 -1.85
CA ASP A 260 0.40 22.91 -2.90
C ASP A 260 1.23 24.20 -2.76
N PRO A 261 2.54 24.11 -2.64
CA PRO A 261 3.35 25.34 -2.49
C PRO A 261 3.28 26.29 -3.66
N LYS A 262 2.93 25.82 -4.86
CA LYS A 262 2.78 26.69 -6.03
C LYS A 262 1.44 27.41 -6.05
N ARG A 263 0.56 27.13 -5.11
CA ARG A 263 -0.78 27.67 -5.08
C ARG A 263 -1.00 28.31 -3.72
N ARG A 264 -2.03 29.13 -3.63
CA ARG A 264 -2.41 29.79 -2.40
C ARG A 264 -3.76 29.22 -1.97
N LEU A 265 -3.87 28.83 -0.70
CA LEU A 265 -5.06 28.15 -0.21
C LEU A 265 -6.25 29.10 -0.05
N ILE A 266 -7.39 28.72 -0.63
CA ILE A 266 -8.65 29.34 -0.29
C ILE A 266 -9.31 28.63 0.88
N GLY A 267 -9.33 27.30 0.84
CA GLY A 267 -9.94 26.54 1.92
C GLY A 267 -9.79 25.05 1.69
N ASP A 268 -10.23 24.30 2.72
CA ASP A 268 -9.99 22.87 2.91
C ASP A 268 -11.15 21.96 2.50
N ASP A 269 -12.41 22.40 2.62
CA ASP A 269 -13.49 21.41 2.72
C ASP A 269 -14.85 21.89 2.22
N GLU A 270 -15.16 23.19 2.36
CA GLU A 270 -16.53 23.66 2.15
C GLU A 270 -16.49 24.98 1.41
N HIS A 271 -17.03 25.02 0.20
CA HIS A 271 -16.97 26.22 -0.62
C HIS A 271 -18.27 26.48 -1.36
N GLY A 272 -18.51 27.74 -1.60
CA GLY A 272 -19.56 28.19 -2.48
C GLY A 272 -18.99 28.76 -3.75
N TRP A 273 -19.84 28.85 -4.77
CA TRP A 273 -19.49 29.44 -6.05
C TRP A 273 -20.66 30.32 -6.49
N ASP A 274 -20.46 31.64 -6.42
CA ASP A 274 -21.46 32.64 -6.77
C ASP A 274 -20.95 33.48 -7.94
N ASP A 275 -21.65 34.58 -8.23
CA ASP A 275 -21.29 35.40 -9.39
C ASP A 275 -19.87 35.95 -9.31
N ASP A 276 -19.34 36.15 -8.10
CA ASP A 276 -17.98 36.68 -7.97
C ASP A 276 -16.90 35.59 -8.00
N GLY A 277 -17.20 34.38 -7.55
CA GLY A 277 -16.19 33.35 -7.57
C GLY A 277 -16.42 32.32 -6.48
N VAL A 278 -15.31 31.67 -6.13
CA VAL A 278 -15.29 30.57 -5.19
C VAL A 278 -14.91 31.12 -3.83
N PHE A 279 -15.74 30.85 -2.81
CA PHE A 279 -15.53 31.38 -1.47
C PHE A 279 -15.59 30.29 -0.40
N ASN A 280 -14.72 30.38 0.60
CA ASN A 280 -14.70 29.45 1.73
C ASN A 280 -15.84 29.75 2.70
N PHE A 281 -16.49 28.69 3.21
CA PHE A 281 -17.42 28.86 4.31
C PHE A 281 -16.74 28.95 5.68
N GLU A 282 -15.55 28.40 5.81
CA GLU A 282 -14.91 28.15 7.09
C GLU A 282 -13.84 29.19 7.43
N GLY A 283 -13.49 29.21 8.72
CA GLY A 283 -12.42 30.03 9.24
C GLY A 283 -11.20 29.23 9.60
N GLY A 284 -11.15 27.95 9.21
CA GLY A 284 -10.11 27.04 9.63
C GLY A 284 -10.16 25.75 8.84
N CYS A 285 -9.28 24.81 9.23
CA CYS A 285 -9.16 23.52 8.57
C CYS A 285 -9.13 22.42 9.61
N TYR A 286 -9.81 21.32 9.31
CA TYR A 286 -9.96 20.14 10.19
C TYR A 286 -9.30 18.99 9.45
N ALA A 287 -7.99 18.93 9.56
CA ALA A 287 -7.15 18.09 8.74
C ALA A 287 -6.92 16.73 9.39
N LYS A 288 -6.92 15.70 8.56
CA LYS A 288 -6.59 14.35 9.02
C LYS A 288 -5.09 14.29 9.31
N THR A 289 -4.72 13.75 10.47
CA THR A 289 -3.30 13.72 10.86
C THR A 289 -2.65 12.33 10.82
N ILE A 290 -3.36 11.28 10.43
CA ILE A 290 -2.75 9.96 10.46
C ILE A 290 -1.57 9.93 9.49
N LYS A 291 -0.42 9.47 10.00
CA LYS A 291 0.83 9.40 9.26
C LYS A 291 1.40 10.76 8.90
N LEU A 292 0.93 11.84 9.49
CA LEU A 292 1.47 13.16 9.16
C LEU A 292 2.94 13.22 9.52
N SER A 293 3.72 13.87 8.66
CA SER A 293 5.13 14.11 8.96
C SER A 293 5.51 15.52 8.50
N LYS A 294 6.51 16.07 9.17
CA LYS A 294 7.02 17.38 8.81
C LYS A 294 7.57 17.39 7.39
N GLU A 295 8.24 16.30 6.98
CA GLU A 295 8.84 16.30 5.65
C GLU A 295 7.80 16.19 4.56
N ALA A 296 6.72 15.45 4.82
CA ALA A 296 5.72 15.17 3.80
C ALA A 296 4.66 16.27 3.68
N GLU A 297 4.26 16.89 4.79
CA GLU A 297 3.23 17.92 4.79
C GLU A 297 3.70 19.09 5.65
N PRO A 298 4.70 19.84 5.19
CA PRO A 298 5.30 20.85 6.07
C PRO A 298 4.37 22.00 6.46
N GLU A 299 3.51 22.49 5.56
CA GLU A 299 2.59 23.57 5.91
C GLU A 299 1.59 23.12 6.98
N ILE A 300 1.07 21.91 6.84
CA ILE A 300 0.08 21.45 7.80
C ILE A 300 0.76 21.15 9.13
N TYR A 301 1.88 20.45 9.07
CA TYR A 301 2.59 20.14 10.30
C TYR A 301 2.91 21.43 11.07
N ASN A 302 3.36 22.47 10.36
CA ASN A 302 3.74 23.71 11.03
C ASN A 302 2.55 24.46 11.60
N ALA A 303 1.33 24.15 11.14
CA ALA A 303 0.14 24.78 11.72
C ALA A 303 -0.23 24.21 13.08
N ILE A 304 0.42 23.13 13.49
CA ILE A 304 0.13 22.46 14.74
C ILE A 304 1.00 23.11 15.82
N ARG A 305 0.39 24.03 16.56
CA ARG A 305 1.04 24.84 17.55
C ARG A 305 -0.07 25.39 18.42
N ARG A 306 0.25 26.28 19.36
CA ARG A 306 -0.78 26.77 20.26
C ARG A 306 -1.95 27.35 19.45
N ASP A 307 -3.15 26.93 19.83
CA ASP A 307 -4.42 27.36 19.24
C ASP A 307 -4.93 26.33 18.24
N ALA A 308 -4.06 25.44 17.74
CA ALA A 308 -4.54 24.23 17.10
C ALA A 308 -5.10 23.30 18.16
N LEU A 309 -5.98 22.40 17.74
CA LEU A 309 -6.59 21.47 18.67
C LEU A 309 -6.52 20.09 18.07
N LEU A 310 -5.77 19.20 18.72
CA LEU A 310 -5.55 17.84 18.25
C LEU A 310 -6.62 16.94 18.81
N GLU A 311 -7.05 15.96 18.02
CA GLU A 311 -8.22 15.15 18.38
C GLU A 311 -7.89 13.69 18.11
N ASN A 312 -7.83 12.91 19.18
CA ASN A 312 -7.60 11.46 19.17
C ASN A 312 -6.20 11.04 18.73
N VAL A 313 -5.23 11.96 18.67
CA VAL A 313 -3.86 11.53 18.39
C VAL A 313 -3.29 10.84 19.63
N THR A 314 -2.31 9.99 19.40
CA THR A 314 -1.59 9.35 20.49
C THR A 314 -0.44 10.24 20.95
N VAL A 315 -0.41 10.53 22.25
CA VAL A 315 0.62 11.36 22.84
C VAL A 315 1.38 10.47 23.81
N ARG A 316 2.69 10.40 23.62
CA ARG A 316 3.57 9.60 24.45
C ARG A 316 3.67 10.21 25.85
N GLU A 317 4.27 9.44 26.78
CA GLU A 317 4.36 9.93 28.15
C GLU A 317 5.21 11.19 28.23
N ASP A 318 6.18 11.33 27.32
CA ASP A 318 7.02 12.52 27.35
C ASP A 318 6.35 13.73 26.70
N GLY A 319 5.13 13.58 26.18
CA GLY A 319 4.43 14.68 25.56
C GLY A 319 4.56 14.75 24.06
N THR A 320 5.39 13.92 23.44
CA THR A 320 5.51 13.97 22.00
C THR A 320 4.37 13.23 21.33
N ILE A 321 4.08 13.60 20.10
CA ILE A 321 2.97 13.03 19.34
C ILE A 321 3.48 11.91 18.47
N ASP A 322 2.76 10.79 18.45
CA ASP A 322 3.02 9.72 17.49
C ASP A 322 1.93 9.80 16.43
N PHE A 323 2.20 10.60 15.38
CA PHE A 323 1.21 10.79 14.34
C PHE A 323 0.92 9.51 13.56
N ASP A 324 1.81 8.52 13.61
CA ASP A 324 1.59 7.27 12.88
C ASP A 324 0.65 6.31 13.60
N ASP A 325 0.29 6.58 14.86
CA ASP A 325 -0.44 5.63 15.68
C ASP A 325 -1.94 5.83 15.51
N GLY A 326 -2.58 4.86 14.87
CA GLY A 326 -4.03 4.88 14.70
C GLY A 326 -4.79 4.05 15.71
N SER A 327 -4.25 3.90 16.92
CA SER A 327 -4.86 2.97 17.88
C SER A 327 -6.22 3.45 18.36
N LYS A 328 -6.39 4.75 18.64
CA LYS A 328 -7.71 5.23 19.02
C LYS A 328 -8.62 5.27 17.79
N THR A 329 -8.04 5.53 16.61
CA THR A 329 -8.74 5.58 15.33
C THR A 329 -7.71 5.94 14.26
N GLU A 330 -7.99 5.56 13.02
CA GLU A 330 -7.25 6.11 11.88
C GLU A 330 -7.67 7.57 11.57
N ASN A 331 -8.84 7.98 12.05
CA ASN A 331 -9.41 9.28 11.74
C ASN A 331 -8.96 10.34 12.74
N THR A 332 -7.69 10.30 13.12
CA THR A 332 -7.13 11.37 13.93
C THR A 332 -7.20 12.69 13.17
N ARG A 333 -7.37 13.77 13.91
CA ARG A 333 -7.61 15.08 13.31
C ARG A 333 -6.90 16.17 14.10
N VAL A 334 -6.70 17.30 13.44
CA VAL A 334 -6.34 18.55 14.10
C VAL A 334 -7.17 19.65 13.46
N SER A 335 -7.65 20.59 14.27
CA SER A 335 -8.25 21.81 13.74
C SER A 335 -7.33 22.98 14.06
N TYR A 336 -7.29 23.93 13.15
CA TYR A 336 -6.54 25.16 13.38
C TYR A 336 -7.22 26.29 12.61
N PRO A 337 -7.12 27.53 13.10
CA PRO A 337 -7.57 28.66 12.29
C PRO A 337 -6.69 28.80 11.05
N ILE A 338 -7.29 29.31 9.98
CA ILE A 338 -6.71 29.14 8.67
C ILE A 338 -5.41 29.92 8.55
N TYR A 339 -5.26 30.98 9.33
CA TYR A 339 -4.06 31.82 9.30
C TYR A 339 -2.85 31.12 9.90
N HIS A 340 -3.03 29.93 10.49
CA HIS A 340 -1.87 29.11 10.86
C HIS A 340 -1.14 28.58 9.63
N ILE A 341 -1.70 28.77 8.44
CA ILE A 341 -1.02 28.49 7.18
C ILE A 341 -0.60 29.85 6.61
N ASP A 342 0.68 30.02 6.23
CA ASP A 342 1.05 31.33 5.71
C ASP A 342 0.58 31.52 4.27
N ASN A 343 0.56 30.43 3.50
CA ASN A 343 0.31 30.47 2.07
C ASN A 343 -1.19 30.38 1.81
N ILE A 344 -1.93 31.42 2.25
CA ILE A 344 -3.38 31.50 2.09
C ILE A 344 -3.79 32.82 1.44
N VAL A 345 -5.01 32.84 0.90
CA VAL A 345 -5.60 34.06 0.36
C VAL A 345 -6.09 34.94 1.50
N LYS A 346 -5.76 36.22 1.42
CA LYS A 346 -6.19 37.21 2.39
C LYS A 346 -6.51 38.47 1.62
N PRO A 347 -7.35 39.35 2.17
CA PRO A 347 -7.90 39.35 3.53
C PRO A 347 -9.15 38.50 3.75
N VAL A 348 -9.78 38.03 2.68
CA VAL A 348 -10.93 37.14 2.79
C VAL A 348 -10.61 35.87 2.00
N SER A 349 -11.12 34.72 2.49
CA SER A 349 -10.84 33.43 1.87
C SER A 349 -11.76 33.21 0.68
N LYS A 350 -11.40 33.80 -0.46
CA LYS A 350 -12.22 33.67 -1.67
C LYS A 350 -11.40 34.23 -2.83
N ALA A 351 -11.76 33.82 -4.03
CA ALA A 351 -11.20 34.39 -5.24
C ALA A 351 -12.19 34.18 -6.37
N GLY A 352 -11.72 34.25 -7.62
CA GLY A 352 -12.61 34.25 -8.76
C GLY A 352 -13.10 32.86 -9.13
N HIS A 353 -13.71 32.79 -10.31
CA HIS A 353 -14.30 31.55 -10.78
C HIS A 353 -13.24 30.46 -10.89
N ALA A 354 -13.69 29.20 -10.72
CA ALA A 354 -12.81 28.07 -10.98
C ALA A 354 -12.63 27.86 -12.47
N THR A 355 -11.40 27.58 -12.86
CA THR A 355 -11.05 27.17 -14.21
C THR A 355 -10.76 25.68 -14.30
N LYS A 356 -10.50 25.02 -13.17
CA LYS A 356 -10.17 23.60 -13.15
C LYS A 356 -10.98 22.96 -12.03
N VAL A 357 -11.65 21.86 -12.37
CA VAL A 357 -12.46 21.11 -11.43
C VAL A 357 -11.88 19.71 -11.37
N ILE A 358 -11.47 19.28 -10.19
CA ILE A 358 -10.83 17.98 -10.02
C ILE A 358 -11.74 17.13 -9.15
N PHE A 359 -12.11 15.97 -9.66
CA PHE A 359 -12.83 14.98 -8.89
C PHE A 359 -11.84 13.93 -8.42
N LEU A 360 -11.65 13.84 -7.12
CA LEU A 360 -10.81 12.81 -6.53
C LEU A 360 -11.63 11.56 -6.23
N THR A 361 -11.18 10.42 -6.74
CA THR A 361 -11.81 9.12 -6.49
C THR A 361 -10.78 8.16 -5.89
N ALA A 362 -11.07 7.66 -4.70
CA ALA A 362 -10.21 6.64 -4.10
C ALA A 362 -10.76 5.27 -4.53
N ASP A 363 -10.31 4.80 -5.69
CA ASP A 363 -10.86 3.59 -6.29
C ASP A 363 -10.21 2.38 -5.66
N ALA A 364 -10.95 1.66 -4.81
CA ALA A 364 -10.44 0.48 -4.15
C ALA A 364 -10.33 -0.72 -5.08
N PHE A 365 -10.91 -0.64 -6.27
CA PHE A 365 -10.83 -1.72 -7.24
C PHE A 365 -9.63 -1.60 -8.15
N GLY A 366 -8.90 -0.50 -8.11
CA GLY A 366 -7.73 -0.38 -8.96
C GLY A 366 -8.05 -0.45 -10.42
N VAL A 367 -9.19 0.10 -10.83
CA VAL A 367 -9.64 0.04 -12.22
C VAL A 367 -9.43 1.36 -12.93
N LEU A 368 -9.59 2.50 -12.18
CA LEU A 368 -9.65 3.78 -12.87
C LEU A 368 -8.24 4.35 -13.06
N PRO A 369 -8.07 5.16 -14.10
CA PRO A 369 -6.76 5.74 -14.37
C PRO A 369 -6.37 6.75 -13.30
N PRO A 370 -5.07 6.90 -13.03
CA PRO A 370 -4.61 8.03 -12.19
C PRO A 370 -5.18 9.37 -12.62
N VAL A 371 -5.35 9.61 -13.91
CA VAL A 371 -5.96 10.85 -14.38
C VAL A 371 -6.65 10.66 -15.73
N SER A 372 -7.82 11.26 -15.86
CA SER A 372 -8.60 11.28 -17.09
C SER A 372 -9.16 12.68 -17.25
N ARG A 373 -9.22 13.13 -18.50
CA ARG A 373 -9.84 14.39 -18.85
C ARG A 373 -11.28 14.13 -19.27
N LEU A 374 -12.24 14.65 -18.52
CA LEU A 374 -13.64 14.33 -18.73
C LEU A 374 -14.29 15.22 -19.79
N THR A 375 -15.22 14.65 -20.53
CA THR A 375 -16.10 15.46 -21.35
C THR A 375 -17.14 16.17 -20.48
N ALA A 376 -17.90 17.05 -21.11
CA ALA A 376 -18.94 17.77 -20.38
C ALA A 376 -19.97 16.81 -19.81
N ASP A 377 -20.40 15.83 -20.59
CA ASP A 377 -21.39 14.88 -20.09
C ASP A 377 -20.77 13.96 -19.06
N GLN A 378 -19.52 13.58 -19.24
CA GLN A 378 -18.87 12.73 -18.25
C GLN A 378 -18.72 13.47 -16.94
N THR A 379 -18.56 14.79 -16.99
CA THR A 379 -18.44 15.57 -15.76
C THR A 379 -19.73 15.46 -14.94
N GLN A 380 -20.86 15.67 -15.59
CA GLN A 380 -22.13 15.50 -14.88
C GLN A 380 -22.33 14.07 -14.42
N TYR A 381 -22.03 13.10 -15.29
CA TYR A 381 -22.21 11.69 -14.92
C TYR A 381 -21.39 11.35 -13.68
N HIS A 382 -20.12 11.76 -13.68
CA HIS A 382 -19.25 11.37 -12.57
C HIS A 382 -19.48 12.18 -11.31
N PHE A 383 -20.00 13.40 -11.43
CA PHE A 383 -20.38 14.20 -10.27
C PHE A 383 -21.57 13.59 -9.55
N LEU A 384 -22.61 13.22 -10.32
CA LEU A 384 -23.77 12.56 -9.72
C LEU A 384 -23.39 11.20 -9.12
N SER A 385 -22.56 10.43 -9.82
CA SER A 385 -22.16 9.12 -9.34
C SER A 385 -21.35 9.23 -8.04
N GLY A 386 -20.30 10.04 -8.06
CA GLY A 386 -19.53 10.20 -6.86
C GLY A 386 -18.81 8.96 -6.38
N PHE A 387 -18.30 8.15 -7.32
CA PHE A 387 -17.63 6.92 -6.91
C PHE A 387 -16.31 7.21 -6.22
N THR A 388 -16.11 6.60 -5.05
CA THR A 388 -14.89 6.82 -4.27
C THR A 388 -14.91 5.80 -3.14
N ALA A 389 -14.29 6.11 -2.01
CA ALA A 389 -14.27 5.21 -0.87
C ALA A 389 -14.38 6.01 0.41
N LYS A 390 -15.07 5.42 1.39
CA LYS A 390 -15.07 5.89 2.75
C LYS A 390 -13.90 5.25 3.47
N LEU A 391 -13.06 6.07 4.09
CA LEU A 391 -11.86 5.57 4.74
C LEU A 391 -12.10 5.33 6.22
N ALA A 392 -11.24 4.48 6.80
CA ALA A 392 -11.45 4.00 8.15
C ALA A 392 -11.73 5.15 9.11
N GLY A 393 -12.76 4.97 9.92
CA GLY A 393 -13.04 5.87 11.00
C GLY A 393 -13.83 7.11 10.62
N THR A 394 -13.94 7.44 9.32
CA THR A 394 -14.55 8.72 8.96
C THR A 394 -16.02 8.75 9.34
N GLU A 395 -16.68 7.61 9.26
CA GLU A 395 -17.97 7.42 9.89
C GLU A 395 -17.85 6.23 10.84
N ARG A 396 -18.55 6.33 11.96
CA ARG A 396 -18.46 5.27 12.96
C ARG A 396 -18.81 3.93 12.33
N GLY A 397 -18.00 2.93 12.63
CA GLY A 397 -18.22 1.60 12.12
C GLY A 397 -17.44 1.25 10.87
N ILE A 398 -16.92 2.25 10.15
CA ILE A 398 -16.08 1.98 8.99
C ILE A 398 -14.68 1.65 9.48
N THR A 399 -14.20 0.45 9.16
CA THR A 399 -12.91 0.00 9.66
C THR A 399 -11.87 -0.21 8.57
N GLU A 400 -12.27 -0.11 7.30
CA GLU A 400 -11.37 -0.30 6.17
C GLU A 400 -11.94 0.49 5.01
N PRO A 401 -11.13 0.75 3.98
CA PRO A 401 -11.66 1.46 2.80
C PRO A 401 -12.88 0.77 2.23
N THR A 402 -13.96 1.52 2.13
CA THR A 402 -15.26 0.98 1.74
C THR A 402 -15.74 1.69 0.47
N PRO A 403 -15.71 1.06 -0.69
CA PRO A 403 -16.22 1.72 -1.90
C PRO A 403 -17.64 2.22 -1.70
N THR A 404 -17.93 3.35 -2.34
CA THR A 404 -19.21 4.01 -2.17
C THR A 404 -19.51 4.88 -3.38
N PHE A 405 -20.79 5.09 -3.61
CA PHE A 405 -21.28 6.09 -4.57
C PHE A 405 -21.85 7.23 -3.73
N SER A 406 -21.04 8.28 -3.55
CA SER A 406 -21.41 9.41 -2.71
C SER A 406 -21.74 10.56 -3.65
N ALA A 407 -23.02 10.82 -3.89
CA ALA A 407 -23.40 11.84 -4.85
C ALA A 407 -22.71 13.15 -4.54
N CYS A 408 -22.24 13.81 -5.60
CA CYS A 408 -21.61 15.13 -5.53
C CYS A 408 -20.35 15.11 -4.66
N PHE A 409 -19.78 13.91 -4.46
CA PHE A 409 -18.65 13.68 -3.58
C PHE A 409 -18.88 14.21 -2.17
N GLY A 410 -20.13 14.13 -1.71
CA GLY A 410 -20.45 14.58 -0.38
C GLY A 410 -21.90 14.27 -0.02
N ALA A 411 -22.36 13.07 -0.33
CA ALA A 411 -23.77 12.76 -0.14
C ALA A 411 -24.22 12.95 1.32
N ALA A 412 -23.36 12.62 2.28
CA ALA A 412 -23.72 12.70 3.69
C ALA A 412 -24.11 14.09 4.14
N PHE A 413 -23.78 15.14 3.38
CA PHE A 413 -24.05 16.52 3.76
C PHE A 413 -25.10 17.18 2.88
N LEU A 414 -25.68 16.44 1.94
CA LEU A 414 -26.62 17.04 1.00
C LEU A 414 -27.98 17.16 1.66
N SER A 415 -28.59 18.34 1.55
CA SER A 415 -29.94 18.58 2.04
C SER A 415 -30.95 18.63 0.91
N LEU A 416 -30.49 18.88 -0.31
CA LEU A 416 -31.28 18.89 -1.53
C LEU A 416 -30.93 17.68 -2.38
N HIS A 417 -31.72 17.44 -3.42
CA HIS A 417 -31.44 16.33 -4.31
C HIS A 417 -30.10 16.55 -5.04
N PRO A 418 -29.33 15.48 -5.28
CA PRO A 418 -28.06 15.63 -6.03
C PRO A 418 -28.17 16.41 -7.33
N THR A 419 -29.26 16.24 -8.09
CA THR A 419 -29.35 16.91 -9.38
C THR A 419 -29.39 18.43 -9.21
N GLN A 420 -29.89 18.91 -8.06
CA GLN A 420 -29.93 20.34 -7.81
C GLN A 420 -28.53 20.90 -7.59
N TYR A 421 -27.64 20.12 -6.99
CA TYR A 421 -26.23 20.56 -6.91
C TYR A 421 -25.58 20.51 -8.28
N ALA A 422 -25.85 19.45 -9.05
CA ALA A 422 -25.25 19.30 -10.36
C ALA A 422 -25.68 20.44 -11.28
N GLU A 423 -26.96 20.82 -11.21
CA GLU A 423 -27.46 21.86 -12.11
C GLU A 423 -26.69 23.15 -11.90
N VAL A 424 -26.47 23.54 -10.65
CA VAL A 424 -25.78 24.80 -10.40
C VAL A 424 -24.31 24.68 -10.76
N LEU A 425 -23.69 23.53 -10.46
CA LEU A 425 -22.27 23.38 -10.77
C LEU A 425 -22.02 23.49 -12.26
N VAL A 426 -22.85 22.82 -13.06
CA VAL A 426 -22.71 22.86 -14.51
C VAL A 426 -22.89 24.27 -15.03
N LYS A 427 -23.86 25.01 -14.49
CA LYS A 427 -24.08 26.36 -14.97
C LYS A 427 -22.82 27.21 -14.74
N ARG A 428 -22.23 27.08 -13.56
CA ARG A 428 -21.06 27.88 -13.23
C ARG A 428 -19.86 27.45 -14.03
N MET A 429 -19.65 26.13 -14.17
CA MET A 429 -18.54 25.63 -14.97
C MET A 429 -18.64 26.10 -16.41
N GLN A 430 -19.84 26.01 -16.99
CA GLN A 430 -20.00 26.44 -18.38
C GLN A 430 -19.68 27.92 -18.55
N ALA A 431 -20.13 28.76 -17.63
CA ALA A 431 -19.81 30.19 -17.74
C ALA A 431 -18.32 30.43 -17.66
N ALA A 432 -17.60 29.57 -16.92
CA ALA A 432 -16.17 29.79 -16.76
C ALA A 432 -15.32 29.06 -17.80
N GLY A 433 -15.90 28.16 -18.58
CA GLY A 433 -15.08 27.34 -19.45
C GLY A 433 -14.23 26.33 -18.70
N ALA A 434 -14.66 25.93 -17.50
CA ALA A 434 -13.83 25.11 -16.65
C ALA A 434 -13.72 23.69 -17.21
N GLN A 435 -12.54 23.11 -17.08
CA GLN A 435 -12.30 21.73 -17.49
C GLN A 435 -12.22 20.86 -16.25
N ALA A 436 -12.81 19.66 -16.34
CA ALA A 436 -12.82 18.74 -15.22
C ALA A 436 -11.95 17.52 -15.49
N TYR A 437 -11.37 17.00 -14.42
CA TYR A 437 -10.49 15.85 -14.47
C TYR A 437 -10.90 14.87 -13.37
N LEU A 438 -10.81 13.57 -13.68
CA LEU A 438 -11.04 12.53 -12.70
C LEU A 438 -9.67 11.96 -12.31
N VAL A 439 -9.36 12.05 -11.02
CA VAL A 439 -8.06 11.65 -10.51
C VAL A 439 -8.24 10.52 -9.49
N ASN A 440 -7.62 9.37 -9.77
CA ASN A 440 -7.64 8.25 -8.85
C ASN A 440 -6.53 8.39 -7.80
N THR A 441 -6.94 8.65 -6.56
CA THR A 441 -6.05 8.71 -5.41
C THR A 441 -6.15 7.46 -4.56
N GLY A 442 -6.74 6.40 -5.10
CA GLY A 442 -6.87 5.16 -4.39
C GLY A 442 -5.75 4.19 -4.69
N TRP A 443 -6.08 3.12 -5.39
CA TRP A 443 -5.20 1.97 -5.53
C TRP A 443 -5.09 1.62 -7.01
N ASN A 444 -4.06 0.87 -7.35
CA ASN A 444 -3.86 0.40 -8.71
C ASN A 444 -3.82 -1.13 -8.72
N GLY A 445 -3.47 -1.69 -9.87
CA GLY A 445 -3.47 -3.13 -10.02
C GLY A 445 -2.51 -3.86 -9.10
N THR A 446 -1.46 -3.17 -8.62
CA THR A 446 -0.53 -3.79 -7.67
C THR A 446 -1.15 -3.99 -6.30
N GLY A 447 -2.40 -3.58 -6.09
CA GLY A 447 -2.98 -3.53 -4.76
C GLY A 447 -2.42 -2.46 -3.87
N LYS A 448 -1.40 -1.71 -4.32
CA LYS A 448 -0.85 -0.65 -3.51
C LYS A 448 -1.55 0.67 -3.81
N ARG A 449 -1.53 1.55 -2.83
CA ARG A 449 -2.03 2.90 -3.00
C ARG A 449 -1.19 3.65 -4.02
N ILE A 450 -1.87 4.41 -4.87
CA ILE A 450 -1.17 5.28 -5.82
C ILE A 450 -0.35 6.30 -5.05
N SER A 451 0.87 6.54 -5.52
CA SER A 451 1.80 7.40 -4.81
C SER A 451 1.36 8.86 -4.82
N ILE A 452 1.52 9.53 -3.67
CA ILE A 452 1.23 10.96 -3.59
C ILE A 452 2.18 11.74 -4.47
N LYS A 453 3.40 11.24 -4.69
CA LYS A 453 4.33 11.93 -5.58
C LYS A 453 3.77 11.95 -7.00
N ASP A 454 3.20 10.83 -7.43
CA ASP A 454 2.59 10.76 -8.76
C ASP A 454 1.37 11.65 -8.84
N THR A 455 0.52 11.64 -7.79
CA THR A 455 -0.69 12.44 -7.84
C THR A 455 -0.36 13.93 -7.84
N ARG A 456 0.64 14.34 -7.07
CA ARG A 456 1.01 15.75 -7.08
C ARG A 456 1.53 16.18 -8.43
N ALA A 457 2.29 15.30 -9.09
CA ALA A 457 2.77 15.60 -10.43
C ALA A 457 1.62 15.67 -11.41
N ILE A 458 0.59 14.85 -11.20
CA ILE A 458 -0.58 14.93 -12.06
C ILE A 458 -1.30 16.26 -11.87
N ILE A 459 -1.47 16.68 -10.62
CA ILE A 459 -2.14 17.95 -10.36
C ILE A 459 -1.34 19.09 -10.97
N ASP A 460 0.00 19.04 -10.86
CA ASP A 460 0.82 20.07 -11.48
C ASP A 460 0.51 20.17 -12.96
N ALA A 461 0.38 19.02 -13.62
CA ALA A 461 0.14 19.00 -15.06
C ALA A 461 -1.27 19.46 -15.40
N ILE A 462 -2.25 19.17 -14.55
CA ILE A 462 -3.56 19.75 -14.75
C ILE A 462 -3.51 21.27 -14.64
N LEU A 463 -2.89 21.78 -13.58
CA LEU A 463 -3.07 23.17 -13.22
C LEU A 463 -2.35 24.12 -14.16
N ASN A 464 -1.25 23.69 -14.74
CA ASN A 464 -0.57 24.54 -15.71
C ASN A 464 -1.15 24.44 -17.11
N GLY A 465 -2.28 23.77 -17.27
CA GLY A 465 -2.94 23.70 -18.55
C GLY A 465 -2.38 22.69 -19.52
N SER A 466 -1.33 21.95 -19.16
CA SER A 466 -0.64 21.09 -20.13
C SER A 466 -1.48 19.90 -20.60
N LEU A 467 -2.51 19.51 -19.87
CA LEU A 467 -3.32 18.37 -20.29
C LEU A 467 -4.55 18.77 -21.09
N ASP A 468 -4.93 20.04 -21.09
CA ASP A 468 -6.21 20.42 -21.66
C ASP A 468 -6.31 20.02 -23.13
N ASN A 469 -5.21 20.13 -23.87
CA ASN A 469 -5.19 19.78 -25.29
C ASN A 469 -4.15 18.71 -25.58
N ALA A 470 -3.66 18.02 -24.55
CA ALA A 470 -2.68 16.96 -24.74
C ALA A 470 -3.29 15.79 -25.52
N GLU A 471 -2.42 15.03 -26.18
CA GLU A 471 -2.86 13.82 -26.86
C GLU A 471 -3.25 12.76 -25.82
N THR A 472 -4.27 11.97 -26.18
CA THR A 472 -4.82 10.97 -25.27
C THR A 472 -5.05 9.67 -26.00
N PHE A 473 -5.20 8.61 -25.22
CA PHE A 473 -5.85 7.38 -25.64
C PHE A 473 -7.10 7.17 -24.79
N THR A 474 -7.97 6.27 -25.23
CA THR A 474 -9.26 6.06 -24.59
C THR A 474 -9.29 4.70 -23.88
N LEU A 475 -9.67 4.71 -22.63
CA LEU A 475 -9.82 3.48 -21.89
C LEU A 475 -11.10 2.81 -22.31
N PRO A 476 -11.09 1.52 -22.68
CA PRO A 476 -12.34 0.85 -23.01
C PRO A 476 -13.30 0.81 -21.85
N MET A 477 -14.59 0.67 -22.18
CA MET A 477 -15.65 0.49 -21.18
C MET A 477 -16.03 1.83 -20.54
N PHE A 478 -15.10 2.45 -19.85
CA PHE A 478 -15.36 3.76 -19.25
C PHE A 478 -15.25 4.90 -20.25
N ASN A 479 -14.56 4.69 -21.38
CA ASN A 479 -14.39 5.72 -22.41
C ASN A 479 -13.76 6.99 -21.84
N LEU A 480 -12.76 6.83 -20.98
CA LEU A 480 -12.05 7.94 -20.38
C LEU A 480 -10.80 8.26 -21.22
N ALA A 481 -10.61 9.53 -21.52
CA ALA A 481 -9.42 9.98 -22.25
C ALA A 481 -8.26 10.13 -21.27
N ILE A 482 -7.17 9.40 -21.52
CA ILE A 482 -5.99 9.37 -20.66
C ILE A 482 -4.83 10.01 -21.42
N PRO A 483 -4.09 10.94 -20.82
CA PRO A 483 -2.93 11.49 -21.54
C PRO A 483 -1.91 10.40 -21.85
N THR A 484 -1.30 10.51 -23.05
CA THR A 484 -0.31 9.52 -23.48
C THR A 484 0.98 9.62 -22.69
N GLU A 485 1.26 10.78 -22.09
CA GLU A 485 2.45 10.96 -21.28
C GLU A 485 2.24 12.19 -20.39
N LEU A 486 3.01 12.24 -19.31
CA LEU A 486 2.83 13.28 -18.29
C LEU A 486 4.14 13.55 -17.56
N PRO A 487 4.68 14.77 -17.62
CA PRO A 487 5.99 15.04 -17.02
C PRO A 487 6.04 14.69 -15.54
N GLY A 488 7.09 13.98 -15.16
CA GLY A 488 7.33 13.67 -13.77
C GLY A 488 6.66 12.41 -13.30
N VAL A 489 6.04 11.66 -14.20
CA VAL A 489 5.32 10.45 -13.86
C VAL A 489 5.70 9.36 -14.84
N ASP A 490 5.90 8.16 -14.32
CA ASP A 490 6.14 7.00 -15.17
C ASP A 490 4.96 6.80 -16.10
N THR A 491 5.23 6.91 -17.41
CA THR A 491 4.18 6.75 -18.41
C THR A 491 3.40 5.45 -18.23
N LYS A 492 4.07 4.41 -17.75
CA LYS A 492 3.44 3.10 -17.70
C LYS A 492 2.28 3.06 -16.71
N ILE A 493 2.27 3.93 -15.70
CA ILE A 493 1.18 3.91 -14.72
C ILE A 493 -0.06 4.66 -15.19
N LEU A 494 0.01 5.43 -16.28
CA LEU A 494 -1.16 6.16 -16.74
C LEU A 494 -2.27 5.24 -17.23
N ASP A 495 -1.93 4.06 -17.75
CA ASP A 495 -2.92 3.08 -18.17
C ASP A 495 -3.16 2.14 -16.99
N PRO A 496 -4.36 2.12 -16.39
CA PRO A 496 -4.55 1.29 -15.19
C PRO A 496 -4.37 -0.20 -15.45
N ARG A 497 -4.36 -0.62 -16.72
CA ARG A 497 -4.18 -2.04 -17.04
C ARG A 497 -2.77 -2.53 -16.76
N ASN A 498 -1.76 -1.65 -16.79
CA ASN A 498 -0.38 -2.12 -16.76
C ASN A 498 0.05 -2.64 -15.40
N THR A 499 -0.54 -2.17 -14.31
CA THR A 499 -0.13 -2.64 -13.00
C THR A 499 -0.76 -3.97 -12.62
N TYR A 500 -1.38 -4.67 -13.56
CA TYR A 500 -1.94 -5.99 -13.28
C TYR A 500 -0.95 -7.07 -13.70
N ALA A 501 -0.68 -8.02 -12.79
CA ALA A 501 0.14 -9.17 -13.15
C ALA A 501 -0.45 -9.91 -14.34
N SER A 502 -1.78 -9.91 -14.46
CA SER A 502 -2.47 -10.50 -15.60
C SER A 502 -3.50 -9.48 -16.07
N PRO A 503 -3.33 -8.88 -17.26
CA PRO A 503 -4.24 -7.79 -17.66
C PRO A 503 -5.68 -8.23 -17.84
N GLU A 504 -5.95 -9.53 -17.93
CA GLU A 504 -7.35 -9.93 -17.99
C GLU A 504 -8.07 -9.66 -16.68
N GLN A 505 -7.35 -9.67 -15.56
CA GLN A 505 -7.97 -9.32 -14.29
C GLN A 505 -8.49 -7.87 -14.30
N TRP A 506 -7.83 -6.95 -15.02
CA TRP A 506 -8.39 -5.61 -15.14
C TRP A 506 -9.75 -5.66 -15.83
N GLN A 507 -9.83 -6.38 -16.95
CA GLN A 507 -11.08 -6.48 -17.68
C GLN A 507 -12.21 -6.98 -16.78
N GLU A 508 -11.92 -7.99 -15.96
CA GLU A 508 -12.94 -8.57 -15.09
C GLU A 508 -13.42 -7.56 -14.07
N LYS A 509 -12.49 -6.92 -13.36
CA LYS A 509 -12.86 -5.95 -12.34
C LYS A 509 -13.51 -4.72 -12.97
N ALA A 510 -13.11 -4.37 -14.18
CA ALA A 510 -13.71 -3.23 -14.86
C ALA A 510 -15.16 -3.51 -15.22
N GLU A 511 -15.45 -4.71 -15.73
CA GLU A 511 -16.83 -5.10 -15.98
C GLU A 511 -17.64 -4.99 -14.71
N THR A 512 -17.09 -5.48 -13.60
CA THR A 512 -17.78 -5.43 -12.31
C THR A 512 -18.07 -4.00 -11.91
N LEU A 513 -17.05 -3.13 -11.99
CA LEU A 513 -17.24 -1.73 -11.59
C LEU A 513 -18.15 -1.00 -12.57
N ALA A 514 -18.03 -1.29 -13.86
CA ALA A 514 -18.93 -0.69 -14.83
C ALA A 514 -20.39 -0.98 -14.47
N LYS A 515 -20.70 -2.23 -14.12
CA LYS A 515 -22.09 -2.56 -13.78
C LYS A 515 -22.53 -1.83 -12.51
N LEU A 516 -21.66 -1.73 -11.51
CA LEU A 516 -22.03 -0.97 -10.32
C LEU A 516 -22.40 0.46 -10.68
N PHE A 517 -21.60 1.09 -11.56
CA PHE A 517 -21.88 2.45 -11.99
C PHE A 517 -23.24 2.55 -12.68
N ILE A 518 -23.53 1.63 -13.62
CA ILE A 518 -24.78 1.68 -14.37
C ILE A 518 -25.97 1.52 -13.44
N ASP A 519 -25.91 0.55 -12.55
CA ASP A 519 -27.01 0.31 -11.63
C ASP A 519 -27.20 1.50 -10.70
N ASN A 520 -26.09 2.09 -10.22
CA ASN A 520 -26.21 3.25 -9.35
C ASN A 520 -26.81 4.43 -10.09
N PHE A 521 -26.48 4.59 -11.36
CA PHE A 521 -26.90 5.77 -12.09
C PHE A 521 -28.35 5.67 -12.52
N ASP A 522 -28.92 4.46 -12.57
CA ASP A 522 -30.25 4.33 -13.12
C ASP A 522 -31.23 5.33 -12.48
N LYS A 523 -31.11 5.55 -11.17
CA LYS A 523 -32.07 6.40 -10.49
C LYS A 523 -32.04 7.85 -10.98
N TYR A 524 -30.97 8.28 -11.66
CA TYR A 524 -30.89 9.63 -12.20
C TYR A 524 -31.47 9.76 -13.60
N THR A 525 -31.97 8.66 -14.18
CA THR A 525 -32.42 8.68 -15.57
C THR A 525 -33.92 8.91 -15.70
N ASP A 526 -34.57 9.44 -14.66
CA ASP A 526 -36.02 9.66 -14.70
C ASP A 526 -36.38 11.00 -15.31
N THR A 527 -35.43 11.68 -15.95
CA THR A 527 -35.66 12.87 -16.74
C THR A 527 -34.95 12.70 -18.07
N PRO A 528 -35.38 13.37 -19.12
CA PRO A 528 -34.69 13.23 -20.41
C PRO A 528 -33.21 13.61 -20.30
N ALA A 529 -32.91 14.69 -19.58
CA ALA A 529 -31.54 15.12 -19.40
C ALA A 529 -30.72 14.03 -18.71
N GLY A 530 -31.29 13.40 -17.68
CA GLY A 530 -30.56 12.37 -16.97
C GLY A 530 -30.42 11.12 -17.80
N ALA A 531 -31.48 10.74 -18.51
CA ALA A 531 -31.40 9.61 -19.41
C ALA A 531 -30.32 9.82 -20.47
N ALA A 532 -30.12 11.08 -20.90
CA ALA A 532 -29.17 11.36 -21.96
C ALA A 532 -27.72 11.26 -21.48
N LEU A 533 -27.48 11.27 -20.17
CA LEU A 533 -26.14 11.11 -19.64
C LEU A 533 -25.67 9.66 -19.58
N VAL A 534 -26.57 8.69 -19.73
CA VAL A 534 -26.18 7.28 -19.69
C VAL A 534 -25.08 7.00 -20.70
N ALA A 535 -25.16 7.64 -21.88
CA ALA A 535 -24.19 7.44 -22.96
C ALA A 535 -22.79 7.89 -22.58
N ALA A 536 -22.67 8.77 -21.59
CA ALA A 536 -21.35 9.19 -21.11
C ALA A 536 -20.81 8.29 -20.02
N GLY A 537 -21.63 7.41 -19.43
CA GLY A 537 -21.15 6.49 -18.43
C GLY A 537 -20.44 5.30 -19.04
N PRO A 538 -19.97 4.40 -18.18
CA PRO A 538 -19.37 3.16 -18.69
C PRO A 538 -20.39 2.31 -19.42
N LYS A 539 -19.89 1.53 -20.37
CA LYS A 539 -20.73 0.69 -21.23
C LYS A 539 -20.23 -0.75 -21.15
N LEU A 540 -21.15 -1.69 -20.93
CA LEU A 540 -20.83 -3.10 -21.03
C LEU A 540 -20.99 -3.54 -22.48
N HIS A 541 -20.19 -4.54 -22.88
CA HIS A 541 -20.19 -5.03 -24.25
C HIS A 541 -21.54 -5.66 -24.62
N LEU B 7 35.36 -10.50 -28.49
CA LEU B 7 34.12 -10.95 -29.10
C LEU B 7 33.78 -10.13 -30.35
N THR B 8 33.41 -10.81 -31.44
CA THR B 8 33.15 -10.14 -32.71
C THR B 8 31.64 -10.07 -32.97
N PRO B 9 31.22 -9.14 -33.81
CA PRO B 9 29.80 -9.13 -34.21
C PRO B 9 29.33 -10.45 -34.77
N GLN B 10 30.13 -11.10 -35.62
CA GLN B 10 29.73 -12.38 -36.19
C GLN B 10 29.26 -13.33 -35.10
N GLU B 11 29.98 -13.37 -33.97
CA GLU B 11 29.64 -14.32 -32.91
C GLU B 11 28.24 -14.08 -32.36
N LEU B 12 27.83 -12.82 -32.23
CA LEU B 12 26.48 -12.55 -31.75
C LEU B 12 25.43 -12.72 -32.84
N GLU B 13 25.81 -12.50 -34.09
CA GLU B 13 24.87 -12.70 -35.18
C GLU B 13 24.43 -14.15 -35.30
N ALA B 14 25.24 -15.09 -34.79
CA ALA B 14 24.85 -16.49 -34.74
C ALA B 14 23.64 -16.73 -33.85
N TYR B 15 23.37 -15.84 -32.89
CA TYR B 15 22.18 -15.97 -32.04
C TYR B 15 20.95 -15.36 -32.70
N GLY B 16 21.11 -14.74 -33.86
CA GLY B 16 20.00 -14.12 -34.57
C GLY B 16 19.99 -12.61 -34.52
N ILE B 17 20.96 -11.99 -33.83
CA ILE B 17 21.04 -10.54 -33.73
C ILE B 17 21.67 -9.99 -35.00
N SER B 18 21.21 -8.83 -35.44
CA SER B 18 21.63 -8.24 -36.70
C SER B 18 22.37 -6.93 -36.46
N ASP B 19 23.35 -6.66 -37.33
CA ASP B 19 23.97 -5.33 -37.44
C ASP B 19 24.45 -4.80 -36.09
N VAL B 20 25.31 -5.57 -35.45
CA VAL B 20 25.81 -5.22 -34.13
C VAL B 20 26.86 -4.13 -34.26
N HIS B 21 26.62 -2.99 -33.60
CA HIS B 21 27.60 -1.92 -33.62
C HIS B 21 28.72 -2.24 -32.62
N ASP B 22 28.79 -1.51 -31.51
CA ASP B 22 29.84 -1.72 -30.54
C ASP B 22 29.45 -2.87 -29.62
N ILE B 23 30.44 -3.67 -29.21
CA ILE B 23 30.28 -4.68 -28.17
C ILE B 23 31.13 -4.26 -26.99
N VAL B 24 30.50 -4.09 -25.84
CA VAL B 24 31.20 -3.89 -24.56
C VAL B 24 31.26 -5.24 -23.86
N TYR B 25 32.43 -5.86 -23.86
CA TYR B 25 32.56 -7.24 -23.42
C TYR B 25 33.18 -7.28 -22.04
N ASN B 26 32.57 -8.05 -21.14
CA ASN B 26 32.95 -8.15 -19.73
C ASN B 26 33.51 -6.84 -19.21
N PRO B 27 32.68 -5.78 -19.19
CA PRO B 27 33.15 -4.50 -18.66
C PRO B 27 33.54 -4.60 -17.20
N SER B 28 34.58 -3.84 -16.85
CA SER B 28 34.98 -3.69 -15.46
C SER B 28 33.90 -2.94 -14.68
N TYR B 29 33.98 -3.08 -13.36
CA TYR B 29 33.14 -2.29 -12.47
C TYR B 29 33.33 -0.79 -12.70
N ASP B 30 34.56 -0.35 -12.92
CA ASP B 30 34.76 1.08 -13.14
C ASP B 30 34.05 1.58 -14.39
N LEU B 31 34.14 0.82 -15.48
CA LEU B 31 33.45 1.23 -16.71
C LEU B 31 31.94 1.21 -16.51
N LEU B 32 31.42 0.20 -15.81
CA LEU B 32 29.99 0.15 -15.60
C LEU B 32 29.48 1.35 -14.80
N TYR B 33 30.28 1.82 -13.83
CA TYR B 33 29.91 3.00 -13.08
C TYR B 33 29.84 4.23 -14.00
N GLN B 34 30.85 4.39 -14.85
CA GLN B 34 30.82 5.50 -15.81
C GLN B 34 29.61 5.39 -16.71
N GLU B 35 29.29 4.18 -17.19
CA GLU B 35 28.20 4.01 -18.15
C GLU B 35 26.85 4.26 -17.51
N GLU B 36 26.69 3.86 -16.24
CA GLU B 36 25.40 4.00 -15.57
C GLU B 36 25.08 5.45 -15.23
N LEU B 37 26.08 6.31 -15.09
CA LEU B 37 25.89 7.71 -14.75
C LEU B 37 25.91 8.60 -16.00
N ASP B 38 25.91 8.00 -17.19
CA ASP B 38 25.77 8.77 -18.43
C ASP B 38 24.49 9.61 -18.36
N PRO B 39 24.58 10.94 -18.42
CA PRO B 39 23.37 11.76 -18.27
C PRO B 39 22.39 11.67 -19.44
N SER B 40 22.78 11.05 -20.56
CA SER B 40 21.87 10.90 -21.69
C SER B 40 20.91 9.73 -21.53
N LEU B 41 20.95 9.02 -20.41
CA LEU B 41 20.08 7.86 -20.23
C LEU B 41 18.71 8.28 -19.73
N THR B 42 17.67 7.65 -20.30
CA THR B 42 16.30 7.98 -19.99
C THR B 42 15.55 6.74 -19.49
N GLY B 43 14.41 7.00 -18.85
CA GLY B 43 13.51 5.93 -18.48
C GLY B 43 14.09 5.05 -17.39
N TYR B 44 13.80 3.76 -17.50
CA TYR B 44 14.33 2.82 -16.55
C TYR B 44 15.82 2.57 -16.72
N GLU B 45 16.41 3.13 -17.77
CA GLU B 45 17.85 3.00 -17.95
C GLU B 45 18.63 3.89 -17.01
N ARG B 46 17.99 4.91 -16.44
CA ARG B 46 18.72 5.95 -15.73
C ARG B 46 19.25 5.44 -14.38
N GLY B 47 20.45 5.89 -14.04
CA GLY B 47 21.05 5.58 -12.76
C GLY B 47 21.37 6.88 -12.04
N VAL B 48 21.26 6.85 -10.73
CA VAL B 48 21.62 7.98 -9.90
C VAL B 48 22.60 7.51 -8.84
N LEU B 49 23.42 8.45 -8.37
CA LEU B 49 24.40 8.14 -7.35
C LEU B 49 23.84 8.47 -5.97
N THR B 50 24.06 7.57 -5.02
CA THR B 50 23.65 7.80 -3.65
C THR B 50 24.85 8.27 -2.85
N ASN B 51 24.59 8.76 -1.65
CA ASN B 51 25.68 9.27 -0.82
C ASN B 51 26.59 8.16 -0.33
N LEU B 52 26.15 6.92 -0.40
CA LEU B 52 27.00 5.79 -0.04
C LEU B 52 27.92 5.37 -1.17
N GLY B 53 27.81 6.00 -2.34
CA GLY B 53 28.65 5.68 -3.46
C GLY B 53 28.12 4.60 -4.36
N ALA B 54 26.96 4.04 -4.03
CA ALA B 54 26.35 3.03 -4.87
C ALA B 54 25.34 3.65 -5.84
N VAL B 55 25.31 3.12 -7.06
CA VAL B 55 24.34 3.53 -8.07
C VAL B 55 23.00 2.90 -7.74
N ALA B 56 21.93 3.66 -8.00
CA ALA B 56 20.56 3.20 -7.81
C ALA B 56 19.79 3.31 -9.13
N VAL B 57 18.93 2.33 -9.37
CA VAL B 57 18.07 2.27 -10.55
C VAL B 57 16.65 1.99 -10.08
N ASP B 58 15.72 2.22 -10.99
CA ASP B 58 14.30 2.02 -10.74
C ASP B 58 13.72 1.22 -11.90
N THR B 59 12.95 0.19 -11.58
CA THR B 59 12.39 -0.70 -12.60
C THR B 59 10.89 -0.52 -12.74
N GLY B 60 10.38 0.63 -12.31
CA GLY B 60 9.00 0.99 -12.57
C GLY B 60 8.02 0.03 -11.91
N ILE B 61 7.08 -0.49 -12.72
CA ILE B 61 6.07 -1.39 -12.19
C ILE B 61 6.59 -2.80 -12.01
N PHE B 62 7.82 -3.08 -12.45
CA PHE B 62 8.37 -4.43 -12.35
C PHE B 62 9.20 -4.56 -11.08
N THR B 63 8.48 -4.59 -9.96
CA THR B 63 9.07 -4.59 -8.62
C THR B 63 9.24 -5.99 -8.05
N GLY B 64 8.93 -7.04 -8.82
CA GLY B 64 9.15 -8.40 -8.35
C GLY B 64 9.09 -9.32 -9.54
N ARG B 65 9.17 -10.63 -9.25
CA ARG B 65 9.13 -11.61 -10.32
C ARG B 65 7.74 -11.70 -10.94
N SER B 66 7.72 -12.20 -12.16
CA SER B 66 6.51 -12.38 -12.96
C SER B 66 6.34 -13.86 -13.26
N PRO B 67 5.97 -14.65 -12.26
CA PRO B 67 5.76 -16.09 -12.52
C PRO B 67 4.67 -16.36 -13.56
N LYS B 68 3.66 -15.50 -13.66
CA LYS B 68 2.59 -15.77 -14.61
C LYS B 68 3.03 -15.54 -16.05
N ASP B 69 4.22 -14.99 -16.26
CA ASP B 69 4.80 -14.75 -17.58
C ASP B 69 5.95 -15.72 -17.88
N LYS B 70 6.13 -16.78 -17.09
CA LYS B 70 7.22 -17.75 -17.26
C LYS B 70 6.79 -18.92 -18.13
N TYR B 71 7.55 -19.20 -19.19
CA TYR B 71 7.20 -20.26 -20.14
C TYR B 71 8.45 -21.07 -20.47
N ILE B 72 8.27 -22.38 -20.68
CA ILE B 72 9.34 -23.27 -21.10
C ILE B 72 8.88 -24.00 -22.36
N VAL B 73 9.73 -24.01 -23.39
CA VAL B 73 9.39 -24.74 -24.61
C VAL B 73 9.22 -26.23 -24.33
N ARG B 74 8.10 -26.79 -24.79
CA ARG B 74 7.79 -28.21 -24.67
C ARG B 74 8.16 -28.87 -25.98
N ASP B 75 9.21 -29.68 -25.94
CA ASP B 75 9.83 -30.30 -27.11
C ASP B 75 10.36 -31.66 -26.68
N ASP B 76 11.12 -32.32 -27.57
CA ASP B 76 11.61 -33.66 -27.27
C ASP B 76 12.58 -33.66 -26.09
N THR B 77 13.21 -32.52 -25.80
CA THR B 77 14.11 -32.48 -24.65
C THR B 77 13.35 -32.45 -23.34
N THR B 78 12.26 -31.67 -23.26
CA THR B 78 11.61 -31.37 -22.00
C THR B 78 10.29 -32.09 -21.80
N ARG B 79 9.69 -32.65 -22.86
CA ARG B 79 8.31 -33.13 -22.75
C ARG B 79 8.11 -34.09 -21.60
N ASP B 80 9.00 -35.08 -21.49
CA ASP B 80 8.81 -36.19 -20.56
C ASP B 80 9.49 -35.94 -19.22
N THR B 81 10.27 -34.87 -19.10
CA THR B 81 11.09 -34.63 -17.91
C THR B 81 10.61 -33.47 -17.06
N PHE B 82 10.00 -32.45 -17.66
CA PHE B 82 9.61 -31.27 -16.91
C PHE B 82 8.34 -31.52 -16.11
N TRP B 83 8.25 -30.83 -14.97
CA TRP B 83 7.06 -30.79 -14.14
C TRP B 83 6.14 -29.68 -14.65
N TRP B 84 5.37 -30.04 -15.68
CA TRP B 84 4.58 -29.04 -16.41
C TRP B 84 3.41 -28.52 -15.58
N ALA B 85 3.08 -27.26 -15.82
CA ALA B 85 1.99 -26.61 -15.10
C ALA B 85 0.64 -27.24 -15.44
N ASP B 86 0.52 -27.90 -16.60
CA ASP B 86 -0.72 -28.51 -17.06
C ASP B 86 -0.70 -30.04 -16.99
N LYS B 87 0.22 -30.61 -16.21
CA LYS B 87 0.36 -32.07 -16.05
C LYS B 87 -0.55 -32.68 -15.00
N GLY B 88 -1.31 -31.86 -14.26
CA GLY B 88 -2.20 -32.36 -13.25
C GLY B 88 -1.52 -32.93 -12.04
N LYS B 89 -0.27 -32.52 -11.80
CA LYS B 89 0.52 -33.07 -10.70
C LYS B 89 0.94 -31.98 -9.72
N GLY B 90 0.11 -30.96 -9.55
CA GLY B 90 0.33 -29.91 -8.59
C GLY B 90 0.62 -28.58 -9.27
N LYS B 91 0.40 -27.51 -8.50
CA LYS B 91 0.52 -26.14 -9.02
C LYS B 91 1.98 -25.74 -9.20
N ASN B 92 2.29 -25.18 -10.36
CA ASN B 92 3.63 -24.68 -10.62
C ASN B 92 3.55 -23.69 -11.79
N ASP B 93 4.69 -23.04 -12.08
CA ASP B 93 4.74 -21.97 -13.08
C ASP B 93 5.38 -22.42 -14.38
N ASN B 94 5.58 -23.73 -14.55
CA ASN B 94 6.25 -24.27 -15.73
C ASN B 94 5.25 -24.39 -16.88
N LYS B 95 4.82 -23.24 -17.40
CA LYS B 95 3.82 -23.25 -18.45
C LYS B 95 4.46 -23.59 -19.79
N PRO B 96 3.85 -24.45 -20.58
CA PRO B 96 4.48 -24.91 -21.81
C PRO B 96 4.34 -23.90 -22.93
N LEU B 97 5.36 -23.87 -23.79
CA LEU B 97 5.41 -22.95 -24.91
C LEU B 97 5.70 -23.74 -26.16
N SER B 98 5.03 -23.38 -27.25
CA SER B 98 5.30 -24.09 -28.48
C SER B 98 6.63 -23.62 -29.09
N PRO B 99 7.31 -24.51 -29.82
CA PRO B 99 8.50 -24.05 -30.57
C PRO B 99 8.21 -22.90 -31.52
N GLU B 100 7.02 -22.85 -32.11
CA GLU B 100 6.69 -21.78 -33.03
C GLU B 100 6.60 -20.45 -32.29
N THR B 101 5.89 -20.42 -31.17
CA THR B 101 5.79 -19.20 -30.39
C THR B 101 7.15 -18.79 -29.84
N TRP B 102 7.98 -19.76 -29.45
CA TRP B 102 9.35 -19.44 -29.07
C TRP B 102 10.08 -18.67 -30.18
N GLN B 103 9.98 -19.15 -31.42
CA GLN B 103 10.69 -18.44 -32.50
C GLN B 103 10.19 -17.01 -32.66
N HIS B 104 8.91 -16.77 -32.36
CA HIS B 104 8.37 -15.43 -32.42
C HIS B 104 8.93 -14.56 -31.31
N LEU B 105 8.94 -15.07 -30.07
CA LEU B 105 9.49 -14.31 -28.96
C LEU B 105 10.97 -14.03 -29.18
N LYS B 106 11.70 -15.03 -29.66
CA LYS B 106 13.11 -14.82 -29.91
C LYS B 106 13.34 -13.73 -30.96
N GLY B 107 12.51 -13.70 -32.00
CA GLY B 107 12.67 -12.68 -33.01
C GLY B 107 12.39 -11.29 -32.47
N LEU B 108 11.40 -11.17 -31.59
CA LEU B 108 11.17 -9.90 -30.93
C LEU B 108 12.42 -9.43 -30.20
N VAL B 109 13.07 -10.32 -29.46
CA VAL B 109 14.24 -9.89 -28.67
C VAL B 109 15.43 -9.62 -29.58
N THR B 110 15.71 -10.52 -30.53
CA THR B 110 16.90 -10.30 -31.36
C THR B 110 16.77 -9.05 -32.24
N ARG B 111 15.57 -8.76 -32.76
CA ARG B 111 15.38 -7.47 -33.44
C ARG B 111 15.58 -6.29 -32.49
N GLN B 112 15.06 -6.38 -31.27
CA GLN B 112 15.24 -5.31 -30.30
C GLN B 112 16.72 -5.05 -30.02
N LEU B 113 17.54 -6.09 -30.01
CA LEU B 113 18.95 -5.96 -29.67
C LEU B 113 19.82 -5.69 -30.91
N SER B 114 19.20 -5.62 -32.09
CA SER B 114 19.91 -5.40 -33.34
C SER B 114 20.17 -3.91 -33.57
N GLY B 115 21.27 -3.62 -34.26
CA GLY B 115 21.54 -2.26 -34.68
C GLY B 115 22.00 -1.33 -33.61
N LYS B 116 22.71 -1.83 -32.60
CA LYS B 116 23.06 -0.98 -31.48
C LYS B 116 24.24 -1.55 -30.71
N ARG B 117 24.69 -0.75 -29.75
CA ARG B 117 25.76 -1.11 -28.85
C ARG B 117 25.21 -2.09 -27.82
N LEU B 118 25.88 -3.22 -27.67
CA LEU B 118 25.46 -4.26 -26.73
C LEU B 118 26.53 -4.46 -25.66
N PHE B 119 26.06 -4.79 -24.47
CA PHE B 119 26.91 -5.27 -23.39
C PHE B 119 26.81 -6.79 -23.35
N VAL B 120 27.94 -7.46 -23.25
CA VAL B 120 28.01 -8.91 -23.15
C VAL B 120 28.82 -9.25 -21.91
N VAL B 121 28.23 -10.08 -21.06
CA VAL B 121 28.89 -10.56 -19.85
C VAL B 121 28.93 -12.08 -19.91
N ASP B 122 30.14 -12.62 -19.95
CA ASP B 122 30.35 -14.04 -19.77
C ASP B 122 30.62 -14.33 -18.30
N ALA B 123 29.99 -15.39 -17.79
CA ALA B 123 30.01 -15.68 -16.36
C ALA B 123 29.71 -17.16 -16.14
N PHE B 124 29.99 -17.62 -14.93
CA PHE B 124 29.63 -18.98 -14.55
C PHE B 124 28.46 -19.00 -13.58
N CYS B 125 27.63 -20.05 -13.71
CA CYS B 125 26.64 -20.41 -12.71
C CYS B 125 27.09 -21.74 -12.11
N GLY B 126 27.51 -21.73 -10.86
CA GLY B 126 28.12 -22.89 -10.24
C GLY B 126 29.61 -22.68 -9.99
N ALA B 127 30.05 -22.93 -8.75
CA ALA B 127 31.44 -22.72 -8.37
C ALA B 127 32.39 -23.80 -8.89
N ASN B 128 31.90 -24.99 -9.26
CA ASN B 128 32.75 -26.09 -9.69
C ASN B 128 32.80 -26.20 -11.21
N PRO B 129 33.98 -26.31 -11.81
CA PRO B 129 34.04 -26.42 -13.28
C PRO B 129 33.29 -27.61 -13.86
N ASP B 130 33.12 -28.70 -13.10
CA ASP B 130 32.53 -29.91 -13.68
C ASP B 130 31.03 -29.81 -13.88
N THR B 131 30.33 -29.03 -13.07
CA THR B 131 28.87 -28.92 -13.15
C THR B 131 28.39 -27.51 -13.47
N ARG B 132 29.29 -26.55 -13.63
CA ARG B 132 28.85 -25.18 -13.82
C ARG B 132 28.39 -24.96 -15.25
N LEU B 133 27.43 -24.06 -15.39
CA LEU B 133 27.04 -23.57 -16.70
C LEU B 133 27.89 -22.35 -17.03
N SER B 134 28.39 -22.31 -18.27
CA SER B 134 29.00 -21.11 -18.81
C SER B 134 27.88 -20.32 -19.48
N VAL B 135 27.57 -19.15 -18.94
CA VAL B 135 26.42 -18.36 -19.39
C VAL B 135 26.90 -17.08 -20.04
N ARG B 136 26.33 -16.76 -21.18
CA ARG B 136 26.59 -15.50 -21.87
C ARG B 136 25.34 -14.63 -21.80
N PHE B 137 25.47 -13.45 -21.17
CA PHE B 137 24.38 -12.49 -21.00
C PHE B 137 24.55 -11.37 -22.02
N ILE B 138 23.48 -11.02 -22.71
CA ILE B 138 23.46 -9.93 -23.68
C ILE B 138 22.40 -8.92 -23.27
N THR B 139 22.79 -7.65 -23.17
CA THR B 139 21.87 -6.58 -22.77
C THR B 139 22.18 -5.34 -23.59
N GLU B 140 21.23 -4.40 -23.65
CA GLU B 140 21.52 -3.07 -24.21
C GLU B 140 21.58 -2.01 -23.13
N VAL B 141 21.58 -2.41 -21.86
CA VAL B 141 21.55 -1.49 -20.74
C VAL B 141 22.70 -1.84 -19.80
N ALA B 142 23.54 -0.85 -19.48
CA ALA B 142 24.71 -1.13 -18.67
C ALA B 142 24.35 -1.69 -17.29
N TRP B 143 23.32 -1.15 -16.64
CA TRP B 143 23.08 -1.63 -15.29
C TRP B 143 22.62 -3.09 -15.28
N GLN B 144 22.01 -3.57 -16.37
CA GLN B 144 21.66 -4.99 -16.41
C GLN B 144 22.90 -5.87 -16.50
N ALA B 145 23.91 -5.41 -17.24
CA ALA B 145 25.17 -6.12 -17.30
C ALA B 145 25.86 -6.10 -15.94
N HIS B 146 25.74 -4.97 -15.22
CA HIS B 146 26.26 -4.87 -13.85
C HIS B 146 25.57 -5.88 -12.94
N PHE B 147 24.27 -6.03 -13.09
CA PHE B 147 23.53 -6.96 -12.24
C PHE B 147 24.07 -8.38 -12.38
N VAL B 148 24.27 -8.81 -13.63
CA VAL B 148 24.79 -10.14 -13.84
C VAL B 148 26.26 -10.27 -13.48
N LYS B 149 27.03 -9.18 -13.61
CA LYS B 149 28.42 -9.20 -13.13
C LYS B 149 28.45 -9.47 -11.64
N ASN B 150 27.51 -8.87 -10.89
CA ASN B 150 27.44 -9.09 -9.44
C ASN B 150 27.03 -10.50 -9.12
N MET B 151 26.00 -11.01 -9.80
CA MET B 151 25.24 -12.13 -9.28
C MET B 151 25.76 -13.48 -9.75
N PHE B 152 26.50 -13.52 -10.84
CA PHE B 152 27.14 -14.72 -11.33
C PHE B 152 28.64 -14.64 -11.08
N ILE B 153 29.31 -15.75 -11.32
CA ILE B 153 30.71 -15.90 -10.93
C ILE B 153 31.57 -15.30 -12.04
N ARG B 154 32.50 -14.42 -11.66
CA ARG B 154 33.18 -13.56 -12.61
C ARG B 154 34.44 -14.28 -13.07
N PRO B 155 34.55 -14.66 -14.34
CA PRO B 155 35.69 -15.49 -14.76
C PRO B 155 36.99 -14.70 -14.77
N SER B 156 38.07 -15.43 -14.55
CA SER B 156 39.41 -14.86 -14.71
C SER B 156 39.70 -14.64 -16.19
N ASP B 157 40.77 -13.90 -16.45
CA ASP B 157 41.18 -13.68 -17.84
C ASP B 157 41.45 -15.01 -18.54
N GLU B 158 42.08 -15.94 -17.84
CA GLU B 158 42.37 -17.24 -18.45
C GLU B 158 41.08 -17.98 -18.78
N GLU B 159 40.09 -17.92 -17.90
CA GLU B 159 38.82 -18.59 -18.14
C GLU B 159 38.03 -17.95 -19.27
N LEU B 160 38.18 -16.65 -19.48
CA LEU B 160 37.51 -16.02 -20.60
C LEU B 160 38.15 -16.39 -21.93
N ALA B 161 39.45 -16.72 -21.91
CA ALA B 161 40.15 -17.05 -23.14
C ALA B 161 39.40 -18.12 -23.94
N GLY B 162 39.21 -19.28 -23.33
CA GLY B 162 38.47 -20.34 -23.99
C GLY B 162 37.04 -20.46 -23.50
N PHE B 163 36.41 -19.33 -23.20
CA PHE B 163 35.02 -19.38 -22.74
C PHE B 163 34.10 -19.84 -23.86
N LYS B 164 33.31 -20.87 -23.57
CA LYS B 164 32.34 -21.42 -24.50
C LYS B 164 30.99 -21.44 -23.82
N PRO B 165 30.06 -20.57 -24.22
CA PRO B 165 28.72 -20.54 -23.59
C PRO B 165 27.97 -21.87 -23.69
N ASP B 166 27.38 -22.29 -22.57
CA ASP B 166 26.42 -23.38 -22.52
C ASP B 166 24.99 -22.87 -22.58
N PHE B 167 24.79 -21.59 -22.26
CA PHE B 167 23.48 -21.00 -22.16
C PHE B 167 23.60 -19.52 -22.52
N ILE B 168 22.60 -19.01 -23.23
CA ILE B 168 22.55 -17.61 -23.63
C ILE B 168 21.34 -16.99 -22.96
N VAL B 169 21.53 -15.84 -22.32
CA VAL B 169 20.45 -15.06 -21.72
C VAL B 169 20.38 -13.73 -22.44
N MET B 170 19.28 -13.48 -23.11
CA MET B 170 19.06 -12.23 -23.84
C MET B 170 18.04 -11.37 -23.11
N ASN B 171 18.48 -10.20 -22.64
CA ASN B 171 17.58 -9.27 -21.95
C ASN B 171 17.05 -8.28 -22.97
N GLY B 172 15.78 -8.46 -23.35
CA GLY B 172 15.07 -7.54 -24.22
C GLY B 172 13.96 -6.82 -23.47
N ALA B 173 14.26 -6.31 -22.29
CA ALA B 173 13.21 -5.66 -21.50
C ALA B 173 12.50 -4.57 -22.28
N LYS B 174 13.20 -3.91 -23.19
CA LYS B 174 12.58 -2.79 -23.89
C LYS B 174 11.57 -3.22 -24.94
N CYS B 175 11.46 -4.51 -25.26
CA CYS B 175 10.51 -4.95 -26.28
C CYS B 175 9.38 -5.70 -25.60
N THR B 176 8.24 -5.79 -26.29
CA THR B 176 7.10 -6.55 -25.79
C THR B 176 6.51 -7.33 -26.96
N ASN B 177 5.52 -8.19 -26.65
CA ASN B 177 4.93 -9.11 -27.60
C ASN B 177 3.50 -8.69 -27.90
N PRO B 178 3.24 -8.01 -29.01
CA PRO B 178 1.87 -7.54 -29.28
C PRO B 178 0.90 -8.64 -29.63
N GLN B 179 1.38 -9.83 -29.97
CA GLN B 179 0.53 -10.96 -30.36
C GLN B 179 0.15 -11.85 -29.17
N TRP B 180 0.30 -11.35 -27.94
CA TRP B 180 0.27 -12.22 -26.78
C TRP B 180 -1.10 -12.85 -26.55
N LYS B 181 -2.17 -12.08 -26.79
CA LYS B 181 -3.51 -12.59 -26.53
C LYS B 181 -3.81 -13.78 -27.44
N GLU B 182 -3.64 -13.60 -28.74
CA GLU B 182 -3.96 -14.70 -29.66
C GLU B 182 -3.03 -15.90 -29.46
N GLN B 183 -1.85 -15.71 -28.88
CA GLN B 183 -0.95 -16.83 -28.62
C GLN B 183 -1.25 -17.54 -27.30
N GLY B 184 -2.25 -17.08 -26.56
CA GLY B 184 -2.65 -17.72 -25.33
C GLY B 184 -1.76 -17.43 -24.17
N LEU B 185 -1.00 -16.35 -24.23
CA LEU B 185 -0.08 -15.97 -23.16
C LEU B 185 -0.78 -15.04 -22.17
N ASN B 186 -0.10 -14.82 -21.05
CA ASN B 186 -0.69 -14.11 -19.93
C ASN B 186 -0.64 -12.60 -20.14
N SER B 187 0.37 -12.12 -20.85
CA SER B 187 0.56 -10.68 -21.04
C SER B 187 1.54 -10.43 -22.18
N GLU B 188 1.79 -9.14 -22.44
CA GLU B 188 2.77 -8.75 -23.45
C GLU B 188 4.20 -8.99 -22.98
N ASN B 189 4.42 -9.29 -21.70
CA ASN B 189 5.75 -9.59 -21.19
C ASN B 189 6.02 -11.08 -21.28
N PHE B 190 7.29 -11.47 -21.12
CA PHE B 190 7.63 -12.89 -21.20
C PHE B 190 9.01 -13.13 -20.60
N VAL B 191 9.12 -14.25 -19.88
CA VAL B 191 10.38 -14.85 -19.44
C VAL B 191 10.35 -16.29 -19.95
N ALA B 192 11.10 -16.56 -21.02
CA ALA B 192 10.92 -17.80 -21.76
C ALA B 192 12.23 -18.56 -21.82
N PHE B 193 12.11 -19.89 -21.77
CA PHE B 193 13.25 -20.81 -21.73
C PHE B 193 13.11 -21.87 -22.80
N ASN B 194 14.21 -22.15 -23.47
CA ASN B 194 14.29 -23.24 -24.45
C ASN B 194 15.51 -24.08 -24.10
N LEU B 195 15.27 -25.31 -23.64
CA LEU B 195 16.34 -26.21 -23.20
C LEU B 195 17.02 -26.93 -24.37
N THR B 196 16.46 -26.86 -25.57
CA THR B 196 17.11 -27.39 -26.76
C THR B 196 18.09 -26.38 -27.33
N GLU B 197 17.65 -25.12 -27.49
CA GLU B 197 18.58 -24.08 -27.92
C GLU B 197 19.44 -23.56 -26.78
N ARG B 198 19.11 -23.89 -25.54
CA ARG B 198 19.85 -23.46 -24.36
C ARG B 198 19.86 -21.93 -24.27
N MET B 199 18.66 -21.37 -24.10
CA MET B 199 18.50 -19.92 -24.15
C MET B 199 17.37 -19.46 -23.25
N GLN B 200 17.57 -18.32 -22.62
CA GLN B 200 16.52 -17.59 -21.90
C GLN B 200 16.28 -16.25 -22.59
N LEU B 201 15.01 -15.90 -22.76
CA LEU B 201 14.62 -14.59 -23.25
C LEU B 201 13.88 -13.84 -22.16
N ILE B 202 14.15 -12.54 -22.04
CA ILE B 202 13.40 -11.66 -21.16
C ILE B 202 12.77 -10.56 -22.01
N GLY B 203 11.44 -10.44 -21.90
CA GLY B 203 10.69 -9.42 -22.61
C GLY B 203 9.83 -8.61 -21.67
N GLY B 204 9.88 -7.29 -21.81
CA GLY B 204 8.97 -6.40 -21.08
C GLY B 204 9.33 -6.12 -19.63
N THR B 205 9.68 -7.14 -18.85
CA THR B 205 9.96 -6.92 -17.44
C THR B 205 11.41 -6.54 -17.18
N TRP B 206 11.58 -5.51 -16.35
CA TRP B 206 12.87 -4.96 -15.97
C TRP B 206 13.36 -5.44 -14.60
N PHE B 207 12.61 -6.29 -13.90
CA PHE B 207 13.04 -6.71 -12.58
C PHE B 207 14.36 -7.49 -12.66
N GLY B 208 15.37 -7.05 -11.90
CA GLY B 208 16.68 -7.69 -11.99
C GLY B 208 16.65 -9.18 -11.72
N GLY B 209 15.85 -9.61 -10.75
CA GLY B 209 15.85 -11.01 -10.35
C GLY B 209 15.46 -11.99 -11.44
N GLU B 210 14.77 -11.52 -12.49
CA GLU B 210 14.52 -12.40 -13.62
C GLU B 210 15.82 -12.85 -14.27
N MET B 211 16.88 -12.05 -14.16
CA MET B 211 18.16 -12.40 -14.77
C MET B 211 18.95 -13.41 -13.95
N LYS B 212 18.60 -13.65 -12.68
CA LYS B 212 19.28 -14.69 -11.92
C LYS B 212 18.43 -15.93 -11.70
N LYS B 213 17.12 -15.79 -11.47
CA LYS B 213 16.33 -16.96 -11.13
C LYS B 213 16.05 -17.85 -12.33
N GLY B 214 16.21 -17.35 -13.55
CA GLY B 214 16.09 -18.22 -14.71
C GLY B 214 17.19 -19.26 -14.75
N MET B 215 18.43 -18.82 -14.54
CA MET B 215 19.51 -19.81 -14.48
C MET B 215 19.37 -20.72 -13.27
N PHE B 216 18.80 -20.24 -12.15
CA PHE B 216 18.55 -21.13 -11.02
C PHE B 216 17.60 -22.24 -11.44
N SER B 217 16.55 -21.88 -12.21
CA SER B 217 15.58 -22.87 -12.67
C SER B 217 16.22 -23.87 -13.63
N MET B 218 17.18 -23.43 -14.44
CA MET B 218 17.91 -24.33 -15.30
C MET B 218 18.82 -25.25 -14.49
N MET B 219 19.53 -24.73 -13.50
CA MET B 219 20.31 -25.61 -12.64
C MET B 219 19.40 -26.61 -11.94
N ASN B 220 18.21 -26.16 -11.51
CA ASN B 220 17.24 -27.04 -10.87
C ASN B 220 16.76 -28.16 -11.80
N TYR B 221 16.93 -28.00 -13.12
CA TYR B 221 16.65 -29.06 -14.07
C TYR B 221 17.85 -30.00 -14.22
N LEU B 222 19.02 -29.42 -14.46
CA LEU B 222 20.15 -30.23 -14.91
C LEU B 222 20.80 -30.98 -13.76
N LEU B 223 20.86 -30.37 -12.57
CA LEU B 223 21.68 -30.96 -11.51
C LEU B 223 21.03 -32.19 -10.91
N PRO B 224 19.75 -32.19 -10.57
CA PRO B 224 19.20 -33.38 -9.90
C PRO B 224 19.15 -34.59 -10.81
N LEU B 225 19.04 -34.39 -12.12
CA LEU B 225 19.05 -35.50 -13.06
C LEU B 225 20.38 -36.24 -13.06
N LYS B 226 21.47 -35.60 -12.62
CA LYS B 226 22.75 -36.29 -12.46
C LYS B 226 23.15 -36.40 -10.99
N GLY B 227 22.18 -36.40 -10.10
CA GLY B 227 22.40 -36.78 -8.72
C GLY B 227 23.02 -35.71 -7.86
N ILE B 228 22.90 -34.46 -8.27
CA ILE B 228 23.45 -33.34 -7.53
C ILE B 228 22.29 -32.52 -7.02
N ALA B 229 22.27 -32.25 -5.72
CA ALA B 229 21.18 -31.48 -5.14
C ALA B 229 21.29 -30.04 -5.57
N SER B 230 20.13 -29.41 -5.80
CA SER B 230 20.02 -28.03 -6.28
C SER B 230 18.99 -27.36 -5.40
N MET B 231 19.42 -26.39 -4.61
CA MET B 231 18.77 -26.04 -3.34
C MET B 231 18.57 -24.55 -3.21
N HIS B 232 17.36 -24.16 -2.79
CA HIS B 232 17.03 -22.76 -2.52
C HIS B 232 17.33 -22.48 -1.06
N CYS B 233 18.57 -22.08 -0.79
CA CYS B 233 19.06 -21.98 0.58
C CYS B 233 20.24 -21.06 0.63
N SER B 234 20.52 -20.61 1.85
CA SER B 234 21.79 -19.98 2.19
C SER B 234 22.69 -21.04 2.84
N ALA B 235 23.97 -20.72 2.98
CA ALA B 235 24.89 -21.76 3.46
C ALA B 235 26.09 -21.10 4.10
N ASN B 236 26.61 -21.75 5.15
CA ASN B 236 27.77 -21.22 5.83
C ASN B 236 28.52 -22.37 6.51
N VAL B 237 29.66 -22.03 7.09
CA VAL B 237 30.60 -23.06 7.52
C VAL B 237 31.34 -22.58 8.76
N GLY B 238 31.49 -23.48 9.73
CA GLY B 238 32.21 -23.16 10.96
C GLY B 238 33.69 -23.51 10.88
N GLU B 239 34.38 -23.16 11.98
CA GLU B 239 35.84 -23.36 12.09
C GLU B 239 36.25 -24.80 11.82
N LYS B 240 35.45 -25.77 12.29
CA LYS B 240 35.78 -27.19 12.10
C LYS B 240 35.52 -27.69 10.70
N GLY B 241 34.91 -26.89 9.83
CA GLY B 241 34.57 -27.34 8.50
C GLY B 241 33.17 -27.86 8.36
N ASP B 242 32.35 -27.73 9.38
CA ASP B 242 30.98 -28.23 9.33
C ASP B 242 30.07 -27.22 8.64
N VAL B 243 29.30 -27.68 7.67
CA VAL B 243 28.47 -26.81 6.84
C VAL B 243 27.01 -26.92 7.28
N ALA B 244 26.33 -25.78 7.24
CA ALA B 244 24.88 -25.72 7.42
C ALA B 244 24.26 -25.08 6.18
N VAL B 245 23.06 -25.58 5.84
CA VAL B 245 22.22 -24.96 4.81
C VAL B 245 20.90 -24.57 5.43
N PHE B 246 20.38 -23.41 5.02
CA PHE B 246 19.14 -22.82 5.52
C PHE B 246 18.19 -22.65 4.33
N PHE B 247 17.21 -23.53 4.22
CA PHE B 247 16.21 -23.43 3.16
C PHE B 247 15.14 -22.41 3.52
N GLY B 248 14.68 -21.67 2.53
CA GLY B 248 13.55 -20.76 2.73
C GLY B 248 13.39 -19.78 1.61
N LEU B 249 12.23 -19.11 1.62
CA LEU B 249 11.98 -18.06 0.66
C LEU B 249 12.66 -16.78 1.13
N SER B 250 12.96 -15.90 0.18
CA SER B 250 13.68 -14.69 0.58
C SER B 250 12.79 -13.85 1.48
N GLY B 251 13.41 -13.26 2.50
CA GLY B 251 12.67 -12.50 3.50
C GLY B 251 12.15 -13.30 4.67
N THR B 252 12.44 -14.61 4.74
CA THR B 252 12.02 -15.43 5.86
C THR B 252 13.19 -15.88 6.74
N GLY B 253 14.37 -15.27 6.58
CA GLY B 253 15.47 -15.46 7.51
C GLY B 253 16.72 -16.09 6.94
N LYS B 254 16.78 -16.53 5.68
CA LYS B 254 17.96 -17.29 5.29
C LYS B 254 19.19 -16.41 5.16
N THR B 255 19.01 -15.16 4.78
CA THR B 255 20.15 -14.24 4.73
C THR B 255 20.58 -13.85 6.13
N THR B 256 19.62 -13.44 6.96
CA THR B 256 19.93 -12.96 8.30
C THR B 256 20.58 -14.04 9.14
N LEU B 257 20.03 -15.25 9.12
CA LEU B 257 20.44 -16.28 10.07
C LEU B 257 21.74 -16.97 9.66
N SER B 258 22.15 -16.82 8.40
CA SER B 258 23.42 -17.36 7.97
C SER B 258 24.56 -16.38 8.19
N THR B 259 24.26 -15.15 8.61
CA THR B 259 25.25 -14.14 9.00
C THR B 259 25.55 -14.36 10.48
N ASP B 260 26.77 -14.73 10.77
CA ASP B 260 27.09 -15.31 12.06
C ASP B 260 28.60 -15.27 12.21
N PRO B 261 29.13 -14.60 13.24
CA PRO B 261 30.60 -14.51 13.35
C PRO B 261 31.27 -15.87 13.44
N LYS B 262 30.58 -16.90 13.93
CA LYS B 262 31.16 -18.21 14.03
C LYS B 262 31.19 -18.94 12.70
N ARG B 263 30.59 -18.36 11.64
CA ARG B 263 30.42 -19.05 10.38
C ARG B 263 30.85 -18.14 9.23
N ARG B 264 31.65 -18.66 8.32
CA ARG B 264 31.93 -17.94 7.09
C ARG B 264 30.79 -18.19 6.11
N LEU B 265 30.36 -17.12 5.43
CA LEU B 265 29.28 -17.25 4.47
C LEU B 265 29.76 -17.95 3.20
N ILE B 266 29.02 -18.96 2.79
CA ILE B 266 29.23 -19.58 1.48
C ILE B 266 28.39 -18.88 0.43
N GLY B 267 27.11 -18.68 0.74
CA GLY B 267 26.24 -17.96 -0.18
C GLY B 267 24.88 -17.75 0.45
N ASP B 268 24.06 -17.01 -0.29
CA ASP B 268 22.82 -16.44 0.18
C ASP B 268 21.54 -17.15 -0.29
N ASP B 269 21.55 -17.85 -1.43
CA ASP B 269 20.25 -18.14 -2.06
C ASP B 269 20.21 -19.42 -2.89
N GLU B 270 21.31 -19.80 -3.52
CA GLU B 270 21.32 -20.89 -4.50
C GLU B 270 22.56 -21.75 -4.33
N HIS B 271 22.38 -23.02 -3.94
CA HIS B 271 23.50 -23.92 -3.72
C HIS B 271 23.29 -25.30 -4.31
N GLY B 272 24.40 -25.91 -4.68
CA GLY B 272 24.44 -27.32 -5.07
C GLY B 272 25.10 -28.18 -4.00
N TRP B 273 24.86 -29.50 -4.06
CA TRP B 273 25.48 -30.43 -3.12
C TRP B 273 25.86 -31.66 -3.91
N ASP B 274 27.17 -31.83 -4.15
CA ASP B 274 27.71 -32.92 -4.95
C ASP B 274 28.58 -33.83 -4.06
N ASP B 275 29.37 -34.70 -4.72
CA ASP B 275 30.17 -35.67 -3.97
C ASP B 275 31.15 -35.01 -3.03
N ASP B 276 31.55 -33.77 -3.31
CA ASP B 276 32.58 -33.10 -2.54
C ASP B 276 32.05 -32.10 -1.51
N GLY B 277 30.80 -31.67 -1.65
CA GLY B 277 30.18 -30.82 -0.64
C GLY B 277 29.25 -29.76 -1.23
N VAL B 278 29.08 -28.65 -0.51
CA VAL B 278 28.07 -27.65 -0.82
C VAL B 278 28.75 -26.47 -1.50
N PHE B 279 28.14 -25.98 -2.60
CA PHE B 279 28.79 -24.99 -3.43
C PHE B 279 27.76 -23.97 -3.89
N ASN B 280 28.16 -22.71 -3.82
CA ASN B 280 27.30 -21.61 -4.25
C ASN B 280 27.23 -21.61 -5.77
N PHE B 281 26.05 -21.31 -6.32
CA PHE B 281 25.93 -21.09 -7.75
C PHE B 281 26.35 -19.67 -8.14
N GLU B 282 26.26 -18.73 -7.21
CA GLU B 282 26.30 -17.30 -7.51
C GLU B 282 27.61 -16.64 -7.10
N GLY B 283 27.81 -15.45 -7.65
CA GLY B 283 28.97 -14.65 -7.33
C GLY B 283 28.65 -13.47 -6.47
N GLY B 284 27.43 -13.38 -5.96
CA GLY B 284 26.98 -12.20 -5.25
C GLY B 284 25.68 -12.48 -4.54
N CYS B 285 25.12 -11.42 -3.99
CA CYS B 285 23.91 -11.47 -3.19
C CYS B 285 22.92 -10.41 -3.65
N TYR B 286 21.63 -10.77 -3.67
CA TYR B 286 20.55 -9.86 -4.07
C TYR B 286 19.67 -9.73 -2.84
N ALA B 287 20.03 -8.80 -1.97
CA ALA B 287 19.47 -8.71 -0.62
C ALA B 287 18.24 -7.81 -0.59
N LYS B 288 17.25 -8.22 0.20
CA LYS B 288 16.12 -7.33 0.46
C LYS B 288 16.56 -6.21 1.40
N THR B 289 16.18 -4.98 1.07
CA THR B 289 16.61 -3.81 1.83
C THR B 289 15.49 -3.06 2.55
N ILE B 290 14.25 -3.58 2.54
CA ILE B 290 13.19 -2.87 3.23
C ILE B 290 13.50 -2.82 4.72
N LYS B 291 13.46 -1.62 5.29
CA LYS B 291 13.73 -1.41 6.72
C LYS B 291 15.18 -1.68 7.10
N LEU B 292 16.09 -1.78 6.14
CA LEU B 292 17.47 -2.06 6.47
C LEU B 292 18.03 -0.95 7.35
N SER B 293 18.82 -1.32 8.34
CA SER B 293 19.52 -0.32 9.16
C SER B 293 20.94 -0.78 9.43
N LYS B 294 21.83 0.18 9.64
CA LYS B 294 23.20 -0.19 9.97
C LYS B 294 23.27 -0.90 11.31
N GLU B 295 22.44 -0.48 12.27
CA GLU B 295 22.46 -1.11 13.59
C GLU B 295 22.01 -2.57 13.52
N ALA B 296 21.03 -2.87 12.66
CA ALA B 296 20.40 -4.18 12.67
C ALA B 296 21.04 -5.17 11.71
N GLU B 297 21.57 -4.69 10.57
CA GLU B 297 22.18 -5.54 9.56
C GLU B 297 23.46 -4.87 9.10
N PRO B 298 24.46 -4.78 9.97
CA PRO B 298 25.67 -4.00 9.61
C PRO B 298 26.42 -4.53 8.40
N GLU B 299 26.51 -5.84 8.26
CA GLU B 299 27.29 -6.40 7.17
C GLU B 299 26.63 -6.12 5.82
N ILE B 300 25.32 -6.32 5.72
CA ILE B 300 24.63 -5.99 4.47
C ILE B 300 24.68 -4.49 4.22
N TYR B 301 24.41 -3.69 5.25
CA TYR B 301 24.48 -2.24 5.07
C TYR B 301 25.85 -1.83 4.53
N ASN B 302 26.93 -2.38 5.13
CA ASN B 302 28.27 -1.99 4.72
C ASN B 302 28.65 -2.51 3.34
N ALA B 303 27.89 -3.47 2.79
CA ALA B 303 28.12 -3.87 1.41
C ALA B 303 27.54 -2.89 0.41
N ILE B 304 26.72 -1.94 0.86
CA ILE B 304 26.09 -0.97 -0.03
C ILE B 304 27.08 0.18 -0.18
N ARG B 305 27.87 0.10 -1.24
CA ARG B 305 28.92 1.06 -1.57
C ARG B 305 29.20 0.87 -3.06
N ARG B 306 30.16 1.61 -3.59
CA ARG B 306 30.43 1.53 -5.02
C ARG B 306 30.60 0.09 -5.49
N ASP B 307 29.88 -0.24 -6.57
CA ASP B 307 29.84 -1.52 -7.26
C ASP B 307 28.64 -2.34 -6.78
N ALA B 308 27.99 -1.91 -5.70
CA ALA B 308 26.66 -2.45 -5.43
C ALA B 308 25.67 -1.76 -6.37
N LEU B 309 24.50 -2.36 -6.52
CA LEU B 309 23.49 -1.78 -7.39
C LEU B 309 22.15 -1.81 -6.68
N LEU B 310 21.65 -0.62 -6.31
CA LEU B 310 20.37 -0.54 -5.61
C LEU B 310 19.21 -0.58 -6.61
N GLU B 311 18.11 -1.26 -6.24
CA GLU B 311 16.99 -1.42 -7.15
C GLU B 311 15.70 -1.04 -6.43
N ASN B 312 15.05 0.02 -6.90
CA ASN B 312 13.77 0.52 -6.40
C ASN B 312 13.82 1.04 -4.97
N VAL B 313 15.01 1.30 -4.40
CA VAL B 313 15.07 1.97 -3.11
C VAL B 313 14.80 3.46 -3.33
N THR B 314 14.20 4.09 -2.33
CA THR B 314 13.88 5.50 -2.44
C THR B 314 15.14 6.31 -2.18
N VAL B 315 15.51 7.15 -3.15
CA VAL B 315 16.66 8.03 -3.03
C VAL B 315 16.13 9.44 -3.02
N ARG B 316 16.42 10.18 -1.94
CA ARG B 316 15.94 11.53 -1.80
C ARG B 316 16.71 12.49 -2.72
N GLU B 317 16.23 13.73 -2.78
CA GLU B 317 16.83 14.72 -3.66
C GLU B 317 18.28 15.00 -3.30
N ASP B 318 18.66 14.83 -2.03
CA ASP B 318 20.05 15.05 -1.63
C ASP B 318 20.92 13.81 -1.79
N GLY B 319 20.37 12.71 -2.30
CA GLY B 319 21.16 11.52 -2.52
C GLY B 319 21.18 10.54 -1.37
N THR B 320 20.55 10.88 -0.25
CA THR B 320 20.43 9.92 0.84
C THR B 320 19.35 8.89 0.49
N ILE B 321 19.41 7.76 1.18
CA ILE B 321 18.55 6.62 0.89
C ILE B 321 17.54 6.49 2.02
N ASP B 322 16.27 6.37 1.67
CA ASP B 322 15.23 6.12 2.66
C ASP B 322 14.91 4.63 2.57
N PHE B 323 15.63 3.82 3.36
CA PHE B 323 15.47 2.36 3.28
C PHE B 323 14.12 1.90 3.81
N ASP B 324 13.42 2.77 4.54
CA ASP B 324 12.16 2.39 5.16
C ASP B 324 10.95 2.57 4.26
N ASP B 325 11.11 3.25 3.13
CA ASP B 325 9.96 3.62 2.30
C ASP B 325 9.57 2.44 1.43
N GLY B 326 8.42 1.85 1.72
CA GLY B 326 7.88 0.78 0.90
C GLY B 326 6.69 1.21 0.07
N SER B 327 6.51 2.52 -0.13
CA SER B 327 5.32 3.02 -0.82
C SER B 327 5.30 2.64 -2.29
N LYS B 328 6.45 2.45 -2.91
CA LYS B 328 6.49 1.86 -4.25
C LYS B 328 6.45 0.34 -4.16
N THR B 329 7.36 -0.25 -3.40
CA THR B 329 7.34 -1.68 -3.14
C THR B 329 8.08 -1.98 -1.84
N GLU B 330 7.64 -3.02 -1.17
CA GLU B 330 8.39 -3.56 -0.05
C GLU B 330 9.55 -4.45 -0.49
N ASN B 331 9.60 -4.82 -1.76
CA ASN B 331 10.63 -5.73 -2.28
C ASN B 331 11.79 -4.95 -2.84
N THR B 332 12.16 -3.86 -2.19
CA THR B 332 13.39 -3.16 -2.55
C THR B 332 14.58 -4.10 -2.39
N ARG B 333 15.58 -3.92 -3.26
CA ARG B 333 16.69 -4.86 -3.35
C ARG B 333 18.00 -4.10 -3.52
N VAL B 334 19.09 -4.79 -3.19
CA VAL B 334 20.44 -4.39 -3.61
C VAL B 334 21.20 -5.64 -4.04
N SER B 335 21.99 -5.51 -5.10
CA SER B 335 22.92 -6.57 -5.46
C SER B 335 24.34 -6.10 -5.25
N TYR B 336 25.21 -7.03 -4.88
CA TYR B 336 26.63 -6.74 -4.71
C TYR B 336 27.41 -8.02 -4.92
N PRO B 337 28.63 -7.93 -5.43
CA PRO B 337 29.51 -9.10 -5.42
C PRO B 337 29.77 -9.58 -4.00
N ILE B 338 30.00 -10.88 -3.86
CA ILE B 338 29.95 -11.46 -2.52
C ILE B 338 31.06 -10.91 -1.64
N TYR B 339 32.17 -10.48 -2.24
CA TYR B 339 33.30 -9.98 -1.47
C TYR B 339 33.03 -8.62 -0.83
N HIS B 340 31.87 -8.02 -1.08
CA HIS B 340 31.41 -6.89 -0.27
C HIS B 340 31.04 -7.32 1.16
N ILE B 341 30.94 -8.62 1.42
CA ILE B 341 30.83 -9.16 2.78
C ILE B 341 32.21 -9.66 3.17
N ASP B 342 32.68 -9.26 4.35
CA ASP B 342 34.04 -9.62 4.73
C ASP B 342 34.14 -11.04 5.24
N ASN B 343 33.17 -11.48 6.03
CA ASN B 343 33.20 -12.80 6.67
C ASN B 343 32.64 -13.84 5.68
N ILE B 344 33.44 -14.12 4.65
CA ILE B 344 33.06 -15.06 3.59
C ILE B 344 34.14 -16.11 3.38
N VAL B 345 33.74 -17.27 2.88
CA VAL B 345 34.70 -18.21 2.32
C VAL B 345 35.26 -17.64 1.03
N LYS B 346 36.58 -17.65 0.91
CA LYS B 346 37.28 -17.16 -0.27
C LYS B 346 38.49 -18.06 -0.52
N PRO B 347 38.94 -18.17 -1.76
CA PRO B 347 38.52 -17.45 -2.96
C PRO B 347 37.38 -18.13 -3.75
N VAL B 348 36.93 -19.29 -3.32
CA VAL B 348 35.84 -20.00 -4.00
C VAL B 348 34.73 -20.27 -2.99
N SER B 349 33.48 -19.97 -3.36
CA SER B 349 32.35 -20.08 -2.44
C SER B 349 31.84 -21.52 -2.41
N LYS B 350 32.54 -22.36 -1.65
CA LYS B 350 32.14 -23.75 -1.46
C LYS B 350 32.82 -24.27 -0.20
N ALA B 351 32.33 -25.41 0.27
CA ALA B 351 32.85 -26.07 1.46
C ALA B 351 32.46 -27.54 1.38
N GLY B 352 32.64 -28.26 2.48
CA GLY B 352 32.32 -29.68 2.51
C GLY B 352 30.83 -29.97 2.63
N HIS B 353 30.55 -31.21 3.03
CA HIS B 353 29.18 -31.67 3.16
C HIS B 353 28.49 -31.01 4.35
N ALA B 354 27.21 -30.73 4.19
CA ALA B 354 26.41 -30.19 5.27
C ALA B 354 26.08 -31.29 6.26
N THR B 355 26.17 -30.96 7.54
CA THR B 355 25.71 -31.85 8.59
C THR B 355 24.52 -31.29 9.32
N LYS B 356 24.14 -30.05 9.04
CA LYS B 356 22.96 -29.43 9.63
C LYS B 356 22.12 -28.84 8.50
N VAL B 357 20.85 -29.19 8.47
CA VAL B 357 19.92 -28.74 7.44
C VAL B 357 18.76 -28.08 8.15
N ILE B 358 18.54 -26.82 7.88
CA ILE B 358 17.57 -26.02 8.60
C ILE B 358 16.47 -25.61 7.61
N PHE B 359 15.23 -26.05 7.89
CA PHE B 359 14.08 -25.59 7.11
C PHE B 359 13.46 -24.39 7.82
N LEU B 360 13.42 -23.24 7.15
CA LEU B 360 12.82 -22.02 7.69
C LEU B 360 11.39 -21.86 7.23
N THR B 361 10.47 -21.85 8.19
CA THR B 361 9.05 -21.68 7.92
C THR B 361 8.57 -20.40 8.57
N ALA B 362 8.07 -19.47 7.76
CA ALA B 362 7.47 -18.24 8.29
C ALA B 362 6.00 -18.51 8.53
N ASP B 363 5.71 -19.14 9.66
CA ASP B 363 4.38 -19.64 9.96
C ASP B 363 3.49 -18.48 10.38
N ALA B 364 2.58 -18.07 9.49
CA ALA B 364 1.70 -16.96 9.79
C ALA B 364 0.54 -17.34 10.72
N PHE B 365 0.44 -18.60 11.14
CA PHE B 365 -0.64 -19.03 12.01
C PHE B 365 -0.21 -19.22 13.46
N GLY B 366 1.07 -19.06 13.79
CA GLY B 366 1.49 -19.23 15.16
C GLY B 366 1.28 -20.62 15.71
N VAL B 367 1.40 -21.64 14.87
CA VAL B 367 1.18 -23.02 15.28
C VAL B 367 2.49 -23.73 15.58
N LEU B 368 3.54 -23.45 14.78
CA LEU B 368 4.67 -24.37 14.82
C LEU B 368 5.69 -23.93 15.87
N PRO B 369 6.46 -24.88 16.43
CA PRO B 369 7.43 -24.50 17.46
C PRO B 369 8.57 -23.68 16.87
N PRO B 370 9.18 -22.79 17.65
CA PRO B 370 10.40 -22.15 17.17
C PRO B 370 11.47 -23.12 16.67
N VAL B 371 11.60 -24.30 17.27
CA VAL B 371 12.54 -25.29 16.76
C VAL B 371 12.02 -26.70 17.06
N SER B 372 12.12 -27.58 16.08
CA SER B 372 11.89 -29.01 16.26
C SER B 372 13.01 -29.78 15.58
N ARG B 373 13.38 -30.90 16.17
CA ARG B 373 14.37 -31.82 15.60
C ARG B 373 13.61 -32.92 14.87
N LEU B 374 13.78 -33.00 13.55
CA LEU B 374 12.92 -33.84 12.74
C LEU B 374 13.47 -35.24 12.62
N THR B 375 12.55 -36.22 12.56
CA THR B 375 12.93 -37.56 12.15
C THR B 375 13.24 -37.58 10.65
N ALA B 376 13.85 -38.67 10.21
CA ALA B 376 14.18 -38.82 8.79
C ALA B 376 12.94 -38.67 7.91
N ASP B 377 11.83 -39.31 8.29
CA ASP B 377 10.61 -39.21 7.49
C ASP B 377 9.98 -37.83 7.60
N GLN B 378 10.10 -37.18 8.75
CA GLN B 378 9.60 -35.81 8.87
C GLN B 378 10.43 -34.84 8.03
N THR B 379 11.73 -35.14 7.86
CA THR B 379 12.56 -34.28 7.01
C THR B 379 12.01 -34.28 5.58
N GLN B 380 11.65 -35.46 5.07
CA GLN B 380 11.10 -35.49 3.72
C GLN B 380 9.73 -34.86 3.68
N TYR B 381 8.87 -35.17 4.66
CA TYR B 381 7.52 -34.65 4.66
C TYR B 381 7.52 -33.13 4.63
N HIS B 382 8.36 -32.49 5.47
CA HIS B 382 8.32 -31.05 5.56
C HIS B 382 9.10 -30.34 4.48
N PHE B 383 10.09 -31.01 3.88
CA PHE B 383 10.74 -30.48 2.69
C PHE B 383 9.75 -30.43 1.53
N LEU B 384 9.04 -31.52 1.30
CA LEU B 384 8.09 -31.52 0.19
C LEU B 384 6.94 -30.54 0.44
N SER B 385 6.51 -30.38 1.69
CA SER B 385 5.39 -29.48 1.97
C SER B 385 5.80 -28.04 1.82
N GLY B 386 6.96 -27.68 2.35
CA GLY B 386 7.49 -26.33 2.18
C GLY B 386 6.55 -25.26 2.68
N PHE B 387 5.91 -25.49 3.82
CA PHE B 387 5.01 -24.49 4.37
C PHE B 387 5.81 -23.29 4.86
N THR B 388 5.40 -22.11 4.43
CA THR B 388 6.06 -20.87 4.83
C THR B 388 5.19 -19.72 4.34
N ALA B 389 5.77 -18.56 4.06
CA ALA B 389 5.00 -17.45 3.52
C ALA B 389 5.79 -16.68 2.47
N LYS B 390 5.08 -16.18 1.45
CA LYS B 390 5.66 -15.25 0.48
C LYS B 390 5.48 -13.84 0.98
N LEU B 391 6.54 -13.04 0.91
CA LEU B 391 6.50 -11.68 1.42
C LEU B 391 6.07 -10.68 0.36
N ALA B 392 5.61 -9.53 0.82
CA ALA B 392 5.04 -8.52 -0.06
C ALA B 392 6.01 -8.15 -1.18
N GLY B 393 5.48 -8.09 -2.40
CA GLY B 393 6.23 -7.60 -3.54
C GLY B 393 7.13 -8.60 -4.19
N THR B 394 7.40 -9.74 -3.56
CA THR B 394 8.39 -10.67 -4.12
C THR B 394 7.94 -11.19 -5.47
N GLU B 395 6.63 -11.42 -5.62
CA GLU B 395 6.03 -11.65 -6.92
C GLU B 395 5.02 -10.55 -7.14
N ARG B 396 4.82 -10.18 -8.40
CA ARG B 396 3.94 -9.07 -8.71
C ARG B 396 2.54 -9.36 -8.20
N GLY B 397 1.97 -8.39 -7.50
CA GLY B 397 0.62 -8.49 -7.00
C GLY B 397 0.49 -8.92 -5.55
N ILE B 398 1.52 -9.56 -4.99
CA ILE B 398 1.52 -9.88 -3.57
C ILE B 398 1.81 -8.61 -2.79
N THR B 399 0.97 -8.29 -1.81
CA THR B 399 1.14 -7.06 -1.03
C THR B 399 1.09 -7.31 0.45
N GLU B 400 0.99 -8.55 0.89
CA GLU B 400 1.03 -8.85 2.32
C GLU B 400 1.61 -10.23 2.49
N PRO B 401 2.04 -10.57 3.70
CA PRO B 401 2.52 -11.93 3.95
C PRO B 401 1.49 -12.96 3.53
N THR B 402 1.86 -13.89 2.66
CA THR B 402 0.89 -14.84 2.09
C THR B 402 1.30 -16.28 2.40
N PRO B 403 0.59 -16.99 3.27
CA PRO B 403 0.94 -18.39 3.52
C PRO B 403 0.93 -19.18 2.22
N THR B 404 1.85 -20.13 2.13
CA THR B 404 2.01 -20.89 0.90
C THR B 404 2.66 -22.22 1.23
N PHE B 405 2.36 -23.21 0.41
CA PHE B 405 3.09 -24.47 0.43
C PHE B 405 4.00 -24.43 -0.80
N SER B 406 5.26 -24.07 -0.57
CA SER B 406 6.22 -23.91 -1.66
C SER B 406 7.14 -25.10 -1.57
N ALA B 407 6.83 -26.14 -2.33
CA ALA B 407 7.60 -27.39 -2.31
C ALA B 407 9.10 -27.09 -2.34
N CYS B 408 9.82 -27.72 -1.41
CA CYS B 408 11.27 -27.64 -1.35
C CYS B 408 11.74 -26.25 -0.99
N PHE B 409 10.82 -25.42 -0.47
CA PHE B 409 11.11 -24.03 -0.12
C PHE B 409 11.54 -23.21 -1.33
N GLY B 410 11.05 -23.57 -2.52
CA GLY B 410 11.42 -22.88 -3.74
C GLY B 410 10.62 -23.36 -4.94
N ALA B 411 9.31 -23.53 -4.74
CA ALA B 411 8.46 -24.11 -5.78
C ALA B 411 8.50 -23.32 -7.08
N ALA B 412 8.66 -22.00 -6.99
CA ALA B 412 8.67 -21.15 -8.19
C ALA B 412 9.81 -21.46 -9.15
N PHE B 413 10.83 -22.17 -8.69
CA PHE B 413 12.03 -22.42 -9.48
C PHE B 413 12.24 -23.89 -9.77
N LEU B 414 11.29 -24.75 -9.39
CA LEU B 414 11.44 -26.18 -9.60
C LEU B 414 11.06 -26.54 -11.03
N SER B 415 12.00 -27.08 -11.77
CA SER B 415 11.76 -27.55 -13.13
C SER B 415 11.34 -29.02 -13.16
N LEU B 416 11.70 -29.77 -12.12
CA LEU B 416 11.38 -31.18 -11.96
C LEU B 416 10.37 -31.33 -10.84
N HIS B 417 9.81 -32.54 -10.70
CA HIS B 417 8.85 -32.76 -9.64
C HIS B 417 9.53 -32.65 -8.26
N PRO B 418 8.85 -32.10 -7.27
CA PRO B 418 9.44 -32.00 -5.91
C PRO B 418 10.14 -33.25 -5.40
N THR B 419 9.59 -34.44 -5.65
CA THR B 419 10.24 -35.64 -5.13
C THR B 419 11.64 -35.85 -5.70
N GLN B 420 11.96 -35.28 -6.86
CA GLN B 420 13.30 -35.48 -7.39
C GLN B 420 14.33 -34.65 -6.64
N TYR B 421 13.92 -33.51 -6.08
CA TYR B 421 14.80 -32.73 -5.22
C TYR B 421 14.96 -33.39 -3.85
N ALA B 422 13.86 -33.96 -3.33
CA ALA B 422 13.92 -34.68 -2.06
C ALA B 422 14.81 -35.92 -2.17
N GLU B 423 14.71 -36.68 -3.25
CA GLU B 423 15.51 -37.89 -3.36
C GLU B 423 16.99 -37.58 -3.23
N VAL B 424 17.47 -36.56 -3.94
CA VAL B 424 18.90 -36.29 -3.97
C VAL B 424 19.33 -35.63 -2.66
N LEU B 425 18.49 -34.78 -2.07
CA LEU B 425 18.82 -34.19 -0.78
C LEU B 425 18.99 -35.26 0.28
N VAL B 426 18.05 -36.22 0.33
CA VAL B 426 18.14 -37.28 1.32
C VAL B 426 19.41 -38.10 1.12
N LYS B 427 19.78 -38.39 -0.12
CA LYS B 427 20.97 -39.18 -0.38
C LYS B 427 22.19 -38.46 0.16
N ARG B 428 22.28 -37.15 -0.06
CA ARG B 428 23.45 -36.40 0.40
C ARG B 428 23.45 -36.29 1.92
N MET B 429 22.29 -36.00 2.51
CA MET B 429 22.22 -35.95 3.97
C MET B 429 22.60 -37.29 4.59
N GLN B 430 22.08 -38.39 4.05
CA GLN B 430 22.36 -39.68 4.67
C GLN B 430 23.85 -40.01 4.61
N ALA B 431 24.50 -39.72 3.48
CA ALA B 431 25.93 -39.98 3.37
C ALA B 431 26.72 -39.14 4.36
N ALA B 432 26.25 -37.95 4.68
CA ALA B 432 26.97 -37.00 5.52
C ALA B 432 26.60 -37.11 6.98
N GLY B 433 25.62 -37.95 7.31
CA GLY B 433 25.11 -37.99 8.66
C GLY B 433 24.42 -36.72 9.09
N ALA B 434 23.75 -36.03 8.15
CA ALA B 434 23.18 -34.74 8.47
C ALA B 434 21.88 -34.86 9.25
N GLN B 435 21.60 -33.83 10.03
CA GLN B 435 20.40 -33.75 10.85
C GLN B 435 19.62 -32.53 10.42
N ALA B 436 18.30 -32.66 10.38
CA ALA B 436 17.43 -31.58 9.95
C ALA B 436 16.62 -31.02 11.12
N TYR B 437 16.38 -29.72 11.02
CA TYR B 437 15.65 -28.97 12.02
C TYR B 437 14.62 -28.10 11.32
N LEU B 438 13.46 -27.95 11.94
CA LEU B 438 12.40 -27.08 11.45
C LEU B 438 12.28 -25.89 12.39
N VAL B 439 12.48 -24.69 11.84
CA VAL B 439 12.62 -23.48 12.63
C VAL B 439 11.56 -22.50 12.16
N ASN B 440 10.73 -22.04 13.10
CA ASN B 440 9.66 -21.11 12.81
C ASN B 440 10.20 -19.69 12.90
N THR B 441 10.35 -19.02 11.76
CA THR B 441 10.77 -17.62 11.70
C THR B 441 9.61 -16.66 11.51
N GLY B 442 8.39 -17.12 11.73
CA GLY B 442 7.24 -16.27 11.50
C GLY B 442 6.66 -15.68 12.77
N TRP B 443 5.50 -16.20 13.18
CA TRP B 443 4.71 -15.61 14.24
C TRP B 443 4.34 -16.67 15.26
N ASN B 444 3.97 -16.23 16.46
CA ASN B 444 3.49 -17.10 17.53
C ASN B 444 2.05 -16.77 17.85
N GLY B 445 1.52 -17.44 18.88
CA GLY B 445 0.10 -17.28 19.22
C GLY B 445 -0.30 -15.83 19.43
N THR B 446 0.57 -15.02 20.02
CA THR B 446 0.20 -13.64 20.33
C THR B 446 -0.11 -12.83 19.07
N GLY B 447 0.32 -13.30 17.91
CA GLY B 447 0.24 -12.51 16.70
C GLY B 447 1.50 -11.70 16.40
N LYS B 448 2.48 -11.73 17.28
CA LYS B 448 3.74 -11.05 17.02
C LYS B 448 4.74 -12.03 16.40
N ARG B 449 5.78 -11.48 15.79
CA ARG B 449 6.79 -12.30 15.16
C ARG B 449 7.77 -12.83 16.20
N ILE B 450 8.13 -14.10 16.06
CA ILE B 450 9.16 -14.69 16.89
C ILE B 450 10.39 -13.80 16.85
N SER B 451 10.98 -13.54 18.02
CA SER B 451 12.08 -12.59 18.10
C SER B 451 13.34 -13.16 17.47
N ILE B 452 14.03 -12.32 16.71
CA ILE B 452 15.27 -12.75 16.07
C ILE B 452 16.30 -13.18 17.10
N LYS B 453 16.28 -12.58 18.31
CA LYS B 453 17.24 -12.97 19.33
C LYS B 453 17.03 -14.43 19.74
N ASP B 454 15.79 -14.82 19.97
CA ASP B 454 15.49 -16.23 20.24
C ASP B 454 15.94 -17.11 19.08
N THR B 455 15.63 -16.69 17.85
CA THR B 455 15.95 -17.54 16.70
C THR B 455 17.45 -17.67 16.51
N ARG B 456 18.20 -16.60 16.75
CA ARG B 456 19.66 -16.68 16.66
C ARG B 456 20.22 -17.61 17.73
N ALA B 457 19.68 -17.55 18.96
CA ALA B 457 20.10 -18.51 19.98
C ALA B 457 19.76 -19.93 19.55
N ILE B 458 18.63 -20.11 18.87
CA ILE B 458 18.23 -21.44 18.41
C ILE B 458 19.24 -21.95 17.39
N ILE B 459 19.62 -21.11 16.42
CA ILE B 459 20.59 -21.52 15.42
C ILE B 459 21.93 -21.88 16.08
N ASP B 460 22.41 -21.05 17.02
CA ASP B 460 23.62 -21.39 17.76
C ASP B 460 23.54 -22.80 18.36
N ALA B 461 22.40 -23.11 18.99
CA ALA B 461 22.23 -24.40 19.65
C ALA B 461 22.17 -25.54 18.64
N ILE B 462 21.62 -25.29 17.46
CA ILE B 462 21.64 -26.29 16.41
C ILE B 462 23.08 -26.56 15.96
N LEU B 463 23.81 -25.50 15.64
CA LEU B 463 25.09 -25.64 14.95
C LEU B 463 26.17 -26.25 15.84
N ASN B 464 26.11 -26.05 17.15
CA ASN B 464 27.13 -26.67 18.00
C ASN B 464 26.81 -28.13 18.36
N GLY B 465 25.73 -28.68 17.79
CA GLY B 465 25.38 -30.07 18.04
C GLY B 465 24.68 -30.33 19.35
N SER B 466 24.34 -29.29 20.11
CA SER B 466 23.76 -29.49 21.44
C SER B 466 22.34 -30.05 21.41
N LEU B 467 21.60 -29.93 20.32
CA LEU B 467 20.25 -30.45 20.26
C LEU B 467 20.17 -31.86 19.68
N ASP B 468 21.23 -32.34 19.02
CA ASP B 468 21.14 -33.62 18.33
C ASP B 468 20.82 -34.77 19.28
N ASN B 469 21.30 -34.71 20.52
CA ASN B 469 21.03 -35.74 21.50
C ASN B 469 20.25 -35.22 22.71
N ALA B 470 19.80 -33.97 22.67
CA ALA B 470 19.13 -33.38 23.82
C ALA B 470 17.80 -34.07 24.08
N GLU B 471 17.33 -33.95 25.34
CA GLU B 471 16.03 -34.44 25.72
C GLU B 471 14.94 -33.57 25.09
N THR B 472 13.83 -34.21 24.71
CA THR B 472 12.74 -33.54 24.03
C THR B 472 11.40 -33.95 24.65
N PHE B 473 10.38 -33.17 24.31
CA PHE B 473 8.98 -33.58 24.44
C PHE B 473 8.34 -33.50 23.05
N THR B 474 7.15 -34.10 22.92
CA THR B 474 6.49 -34.22 21.62
C THR B 474 5.28 -33.30 21.54
N LEU B 475 5.29 -32.39 20.57
CA LEU B 475 4.12 -31.59 20.29
C LEU B 475 3.04 -32.48 19.69
N PRO B 476 1.81 -32.44 20.19
CA PRO B 476 0.77 -33.32 19.63
C PRO B 476 0.38 -32.88 18.24
N MET B 477 -0.28 -33.81 17.53
CA MET B 477 -0.82 -33.58 16.19
C MET B 477 0.29 -33.65 15.14
N PHE B 478 1.24 -32.71 15.21
CA PHE B 478 2.37 -32.72 14.29
C PHE B 478 3.46 -33.69 14.71
N ASN B 479 3.44 -34.14 15.97
CA ASN B 479 4.40 -35.12 16.48
C ASN B 479 5.84 -34.64 16.34
N LEU B 480 6.07 -33.38 16.71
CA LEU B 480 7.38 -32.73 16.56
C LEU B 480 8.16 -32.76 17.87
N ALA B 481 9.39 -33.27 17.80
CA ALA B 481 10.26 -33.36 18.97
C ALA B 481 10.84 -31.98 19.27
N ILE B 482 10.51 -31.44 20.43
CA ILE B 482 10.94 -30.10 20.85
C ILE B 482 11.94 -30.26 21.99
N PRO B 483 13.08 -29.58 21.97
CA PRO B 483 14.01 -29.66 23.11
C PRO B 483 13.36 -29.10 24.37
N THR B 484 13.60 -29.77 25.51
CA THR B 484 12.96 -29.38 26.76
C THR B 484 13.48 -28.06 27.28
N GLU B 485 14.72 -27.71 26.95
CA GLU B 485 15.29 -26.40 27.27
C GLU B 485 16.37 -26.10 26.25
N LEU B 486 16.81 -24.84 26.23
CA LEU B 486 17.78 -24.41 25.23
C LEU B 486 18.52 -23.16 25.70
N PRO B 487 19.86 -23.15 25.71
CA PRO B 487 20.59 -22.02 26.29
C PRO B 487 20.37 -20.73 25.52
N GLY B 488 20.08 -19.66 26.26
CA GLY B 488 19.88 -18.36 25.64
C GLY B 488 18.46 -18.02 25.28
N VAL B 489 17.52 -18.93 25.52
CA VAL B 489 16.09 -18.64 25.34
C VAL B 489 15.35 -19.03 26.61
N ASP B 490 14.31 -18.27 26.92
CA ASP B 490 13.39 -18.64 28.00
C ASP B 490 12.66 -19.91 27.59
N THR B 491 12.80 -20.97 28.39
CA THR B 491 12.18 -22.24 28.04
C THR B 491 10.72 -22.08 27.62
N LYS B 492 10.05 -21.03 28.11
CA LYS B 492 8.63 -20.83 27.82
C LYS B 492 8.35 -20.83 26.32
N ILE B 493 9.27 -20.29 25.51
CA ILE B 493 8.97 -20.06 24.10
C ILE B 493 9.00 -21.35 23.27
N LEU B 494 9.63 -22.41 23.77
CA LEU B 494 9.87 -23.60 22.95
C LEU B 494 8.59 -24.35 22.63
N ASP B 495 7.57 -24.25 23.48
CA ASP B 495 6.30 -24.90 23.23
C ASP B 495 5.34 -23.87 22.64
N PRO B 496 4.87 -24.05 21.40
CA PRO B 496 4.03 -23.00 20.78
C PRO B 496 2.69 -22.79 21.45
N ARG B 497 2.26 -23.70 22.32
CA ARG B 497 0.98 -23.53 23.01
C ARG B 497 1.04 -22.40 24.02
N ASN B 498 2.23 -22.13 24.59
CA ASN B 498 2.32 -21.18 25.70
C ASN B 498 1.94 -19.75 25.31
N THR B 499 1.96 -19.42 24.03
CA THR B 499 1.52 -18.09 23.60
C THR B 499 0.02 -18.03 23.35
N TYR B 500 -0.73 -19.05 23.76
CA TYR B 500 -2.18 -19.06 23.67
C TYR B 500 -2.79 -19.11 25.08
N ALA B 501 -3.94 -18.44 25.23
CA ALA B 501 -4.63 -18.45 26.52
C ALA B 501 -4.85 -19.88 27.02
N SER B 502 -5.18 -20.80 26.12
CA SER B 502 -5.43 -22.18 26.49
C SER B 502 -4.79 -23.09 25.45
N PRO B 503 -4.38 -24.29 25.85
CA PRO B 503 -3.93 -25.28 24.85
C PRO B 503 -5.04 -25.73 23.90
N GLU B 504 -6.30 -25.46 24.24
CA GLU B 504 -7.39 -25.74 23.31
C GLU B 504 -7.39 -24.72 22.17
N GLN B 505 -7.07 -23.46 22.47
CA GLN B 505 -6.98 -22.45 21.42
C GLN B 505 -5.88 -22.79 20.43
N TRP B 506 -4.78 -23.39 20.90
CA TRP B 506 -3.76 -23.84 19.95
C TRP B 506 -4.28 -24.98 19.10
N GLN B 507 -4.87 -25.99 19.74
CA GLN B 507 -5.44 -27.11 19.00
C GLN B 507 -6.35 -26.64 17.88
N GLU B 508 -7.13 -25.59 18.14
CA GLU B 508 -8.01 -25.04 17.12
C GLU B 508 -7.21 -24.62 15.90
N LYS B 509 -6.27 -23.69 16.10
CA LYS B 509 -5.43 -23.23 15.00
C LYS B 509 -4.67 -24.39 14.38
N ALA B 510 -4.12 -25.27 15.22
CA ALA B 510 -3.28 -26.35 14.71
C ALA B 510 -4.04 -27.26 13.75
N GLU B 511 -5.28 -27.59 14.08
CA GLU B 511 -6.04 -28.52 13.22
C GLU B 511 -6.39 -27.86 11.89
N THR B 512 -6.68 -26.56 11.90
CA THR B 512 -6.88 -25.85 10.65
C THR B 512 -5.66 -25.96 9.76
N LEU B 513 -4.48 -25.74 10.33
CA LEU B 513 -3.25 -25.80 9.53
C LEU B 513 -2.95 -27.24 9.13
N ALA B 514 -3.19 -28.19 10.03
CA ALA B 514 -2.91 -29.57 9.73
C ALA B 514 -3.73 -30.04 8.54
N LYS B 515 -4.97 -29.54 8.44
CA LYS B 515 -5.82 -29.90 7.30
C LYS B 515 -5.20 -29.43 5.99
N LEU B 516 -4.66 -28.20 5.99
CA LEU B 516 -4.01 -27.68 4.78
C LEU B 516 -2.79 -28.51 4.41
N PHE B 517 -2.00 -28.92 5.42
CA PHE B 517 -0.86 -29.79 5.17
C PHE B 517 -1.32 -31.09 4.54
N ILE B 518 -2.40 -31.68 5.07
CA ILE B 518 -2.85 -32.99 4.61
C ILE B 518 -3.38 -32.88 3.19
N ASP B 519 -4.20 -31.87 2.92
CA ASP B 519 -4.68 -31.65 1.57
C ASP B 519 -3.52 -31.37 0.61
N ASN B 520 -2.52 -30.60 1.05
CA ASN B 520 -1.43 -30.27 0.15
C ASN B 520 -0.53 -31.46 -0.13
N PHE B 521 -0.37 -32.37 0.83
CA PHE B 521 0.53 -33.50 0.66
C PHE B 521 -0.09 -34.64 -0.15
N ASP B 522 -1.41 -34.63 -0.32
CA ASP B 522 -2.07 -35.79 -0.92
C ASP B 522 -1.58 -36.06 -2.33
N LYS B 523 -1.19 -35.01 -3.07
CA LYS B 523 -0.67 -35.17 -4.43
C LYS B 523 0.59 -36.02 -4.50
N TYR B 524 1.26 -36.24 -3.36
CA TYR B 524 2.50 -37.02 -3.33
C TYR B 524 2.29 -38.48 -2.98
N THR B 525 1.04 -38.93 -2.80
CA THR B 525 0.77 -40.24 -2.24
C THR B 525 0.50 -41.35 -3.27
N ASP B 526 0.75 -41.13 -4.55
CA ASP B 526 0.58 -42.20 -5.53
C ASP B 526 1.72 -43.22 -5.53
N THR B 527 2.88 -42.91 -4.91
CA THR B 527 3.94 -43.88 -4.79
C THR B 527 3.90 -44.49 -3.40
N PRO B 528 4.36 -45.72 -3.25
CA PRO B 528 4.43 -46.30 -1.90
C PRO B 528 5.22 -45.45 -0.93
N ALA B 529 6.33 -44.86 -1.38
CA ALA B 529 7.12 -44.00 -0.49
C ALA B 529 6.32 -42.78 -0.07
N GLY B 530 5.68 -42.10 -1.03
CA GLY B 530 4.88 -40.95 -0.66
C GLY B 530 3.73 -41.29 0.28
N ALA B 531 3.03 -42.40 0.00
CA ALA B 531 1.95 -42.82 0.89
C ALA B 531 2.48 -43.07 2.31
N ALA B 532 3.63 -43.72 2.41
CA ALA B 532 4.23 -43.98 3.72
C ALA B 532 4.58 -42.69 4.48
N LEU B 533 4.83 -41.59 3.77
CA LEU B 533 5.23 -40.35 4.46
C LEU B 533 4.07 -39.65 5.14
N VAL B 534 2.83 -40.00 4.80
CA VAL B 534 1.72 -39.31 5.44
C VAL B 534 1.78 -39.51 6.94
N ALA B 535 2.30 -40.66 7.38
CA ALA B 535 2.37 -40.95 8.81
C ALA B 535 3.30 -39.99 9.53
N ALA B 536 4.25 -39.39 8.81
CA ALA B 536 5.16 -38.43 9.40
C ALA B 536 4.57 -37.03 9.48
N GLY B 537 3.49 -36.76 8.76
CA GLY B 537 2.84 -35.49 8.80
C GLY B 537 1.88 -35.39 9.96
N PRO B 538 1.20 -34.26 10.03
CA PRO B 538 0.25 -34.04 11.11
C PRO B 538 -0.93 -34.99 10.99
N LYS B 539 -1.44 -35.42 12.13
CA LYS B 539 -2.49 -36.44 12.19
C LYS B 539 -3.62 -35.91 13.04
N LEU B 540 -4.80 -35.75 12.44
CA LEU B 540 -5.94 -35.15 13.13
C LEU B 540 -6.61 -36.15 14.06
#